data_2HR7
#
_entry.id   2HR7
#
_cell.length_a   103.861
_cell.length_b   130.241
_cell.length_c   160.924
_cell.angle_alpha   90.00
_cell.angle_beta   90.00
_cell.angle_gamma   90.00
#
_symmetry.space_group_name_H-M   'P 21 21 21'
#
loop_
_entity.id
_entity.type
_entity.pdbx_description
1 polymer 'Insulin receptor'
2 branched 2-acetamido-2-deoxy-beta-D-glucopyranose-(1-4)-2-acetamido-2-deoxy-beta-D-glucopyranose
3 branched alpha-D-mannopyranose-(1-2)-alpha-D-mannopyranose-(1-3)-[alpha-D-mannopyranose-(1-6)]beta-D-mannopyranose-(1-4)-2-acetamido-2-deoxy-beta-D-glucopyranose-(1-4)-2-acetamido-2-deoxy-beta-D-glucopyranose
4 branched beta-D-mannopyranose-(1-4)-2-acetamido-2-deoxy-beta-D-glucopyranose-(1-4)-2-acetamido-2-deoxy-beta-D-glucopyranose
5 branched beta-D-mannopyranose-(1-4)-2-acetamido-2-deoxy-beta-D-glucopyranose-(1-4)-[alpha-L-fucopyranose-(1-6)]2-acetamido-2-deoxy-beta-D-glucopyranose
6 branched 2-acetamido-2-deoxy-beta-D-glucopyranose-(1-4)-[alpha-L-fucopyranose-(1-6)]2-acetamido-2-deoxy-beta-D-glucopyranose
7 branched alpha-D-mannopyranose-(1-3)-[alpha-D-mannopyranose-(1-6)]alpha-D-mannopyranose-(1-6)-[alpha-D-mannopyranose-(1-3)]beta-D-mannopyranose-(1-4)-2-acetamido-2-deoxy-beta-D-glucopyranose-(1-4)-2-acetamido-2-deoxy-beta-D-glucopyranose
8 non-polymer 2-acetamido-2-deoxy-beta-D-glucopyranose
9 non-polymer 'SULFATE ION'
10 non-polymer 3,6,9,12,15,18-HEXAOXAICOSANE-1,20-DIOL
11 non-polymer GLYCEROL
12 water water
#
_entity_poly.entity_id   1
_entity_poly.type   'polypeptide(L)'
_entity_poly.pdbx_seq_one_letter_code
;HLYPGEVCPGMDIRNNLTRLHELENCSVIEGHLQILLMFKTRPEDFRDLSFPKLIMITDYLLLFRVYGLESLKDLFPNLT
VIRGSRLFFNYALVIFEMVHLKELGLYNLMNITRGSVRIEKNNELCYLATIDWSRILDSVEDNHIVLNKDDNEECGDICP
GTAKGKTNCPATVINGQFVERCWTHSHCQKVCPTICKSHGCTAEGLCCHSECLGNCSQPDDPTKCVACRNFYLDGRCVET
CPPPYYHFQDWRCVNFSFCQDLHHKCKNSRRQGCHQYVIHNNKCIPECPSGYTMNSSNLLCTPCLGPCPKVCHLLEGEKT
IDSVTSAQELRGCTVINGSLIINIRGGNNLAAELEANLGLIEEISGYLKIRRSYALVSLSFFRKLRLIRGETLEIGNYSF
YALDNQNLRQLWDWSKHNLTITQGKLFFHYNPKLCLSEIHKMEEVSGTKGRQERNDIALKTNGDKASCENELLKFSYIRT
SFDKIS
;
_entity_poly.pdbx_strand_id   A,B
#
# COMPACT_ATOMS: atom_id res chain seq x y z
N PRO A 4 8.55 -5.72 -32.35
CA PRO A 4 9.53 -5.42 -33.42
C PRO A 4 10.56 -4.32 -33.04
N GLY A 5 10.08 -3.16 -32.55
CA GLY A 5 10.93 -2.04 -32.15
C GLY A 5 11.76 -2.23 -30.89
N GLU A 6 12.05 -1.14 -30.20
CA GLU A 6 13.06 -1.13 -29.17
C GLU A 6 12.56 -1.73 -27.85
N VAL A 7 13.53 -2.12 -27.06
CA VAL A 7 13.39 -2.37 -25.66
C VAL A 7 13.76 -1.05 -25.01
N CYS A 8 12.84 -0.45 -24.28
CA CYS A 8 13.16 0.79 -23.61
C CYS A 8 13.26 0.47 -22.16
N PRO A 9 14.01 1.27 -21.43
CA PRO A 9 14.09 1.14 -19.98
C PRO A 9 12.88 1.75 -19.25
N GLY A 10 12.69 1.36 -17.99
CA GLY A 10 11.64 1.96 -17.16
C GLY A 10 11.61 3.47 -17.31
N MET A 11 10.41 4.03 -17.33
CA MET A 11 10.26 5.46 -17.32
C MET A 11 9.31 6.02 -16.28
N ASP A 12 9.59 7.27 -16.01
CA ASP A 12 8.99 8.01 -14.98
C ASP A 12 8.67 9.44 -15.47
N ILE A 13 7.44 9.63 -15.95
CA ILE A 13 7.04 10.85 -16.64
C ILE A 13 6.13 11.70 -15.72
N ARG A 14 6.55 12.93 -15.48
CA ARG A 14 5.98 13.86 -14.51
C ARG A 14 5.81 15.26 -15.13
N ASN A 15 4.85 16.04 -14.60
CA ASN A 15 4.73 17.50 -14.83
C ASN A 15 4.26 17.93 -16.21
N ASN A 16 4.98 17.47 -17.26
CA ASN A 16 4.78 17.74 -18.71
C ASN A 16 4.61 16.48 -19.54
N LEU A 17 3.89 16.57 -20.63
CA LEU A 17 3.97 15.51 -21.62
C LEU A 17 5.23 15.43 -22.48
N THR A 18 6.12 16.42 -22.46
CA THR A 18 7.27 16.38 -23.39
C THR A 18 7.98 15.00 -23.40
N ARG A 19 8.34 14.46 -22.24
CA ARG A 19 9.22 13.29 -22.21
C ARG A 19 8.53 12.00 -22.59
N LEU A 20 7.20 12.05 -22.68
CA LEU A 20 6.39 10.90 -23.02
C LEU A 20 6.67 10.33 -24.42
N HIS A 21 7.10 11.20 -25.32
CA HIS A 21 7.47 10.80 -26.70
C HIS A 21 8.73 9.97 -26.78
N GLU A 22 9.47 9.90 -25.68
CA GLU A 22 10.56 8.93 -25.56
C GLU A 22 10.09 7.49 -25.70
N LEU A 23 8.78 7.25 -25.55
CA LEU A 23 8.20 5.91 -25.74
C LEU A 23 7.83 5.55 -27.17
N GLU A 24 8.00 6.49 -28.08
CA GLU A 24 7.37 6.36 -29.38
C GLU A 24 7.73 5.11 -30.19
N ASN A 25 8.93 4.56 -30.02
CA ASN A 25 9.35 3.33 -30.74
C ASN A 25 9.36 2.04 -29.89
C ASN A 25 9.47 2.11 -29.83
N CYS A 26 9.13 2.15 -28.59
N CYS A 26 8.77 2.12 -28.71
CA CYS A 26 9.17 0.97 -27.69
CA CYS A 26 8.97 1.07 -27.74
C CYS A 26 8.07 -0.06 -27.91
C CYS A 26 7.99 -0.09 -27.95
N SER A 27 8.53 -1.30 -28.07
CA SER A 27 7.72 -2.52 -28.02
C SER A 27 7.57 -3.08 -26.61
N VAL A 28 8.67 -3.04 -25.86
CA VAL A 28 8.73 -3.56 -24.54
C VAL A 28 9.31 -2.50 -23.68
N ILE A 29 8.70 -2.24 -22.52
CA ILE A 29 9.35 -1.43 -21.50
C ILE A 29 9.90 -2.36 -20.47
N GLU A 30 11.22 -2.34 -20.34
CA GLU A 30 11.90 -3.24 -19.43
C GLU A 30 12.15 -2.45 -18.16
N GLY A 31 11.23 -2.63 -17.21
CA GLY A 31 11.05 -1.69 -16.10
C GLY A 31 9.57 -1.36 -15.92
N HIS A 32 9.30 -0.26 -15.22
CA HIS A 32 7.95 0.19 -14.99
C HIS A 32 7.64 1.43 -15.84
N LEU A 33 6.37 1.77 -15.91
CA LEU A 33 5.95 2.98 -16.53
C LEU A 33 5.06 3.72 -15.53
N GLN A 34 5.52 4.89 -15.08
CA GLN A 34 4.77 5.79 -14.21
C GLN A 34 4.56 7.10 -14.96
N ILE A 35 3.30 7.52 -15.01
CA ILE A 35 2.90 8.80 -15.54
C ILE A 35 2.11 9.51 -14.45
N LEU A 36 2.57 10.69 -14.06
CA LEU A 36 2.02 11.33 -12.89
C LEU A 36 2.18 12.83 -12.78
N LEU A 37 1.28 13.37 -11.97
CA LEU A 37 1.33 14.77 -11.55
C LEU A 37 1.41 15.73 -12.77
N MET A 38 0.42 15.61 -13.62
CA MET A 38 0.21 16.51 -14.73
C MET A 38 -1.02 17.30 -14.53
N PHE A 39 -0.79 18.48 -13.98
CA PHE A 39 -1.84 19.31 -13.51
C PHE A 39 -2.37 20.23 -14.58
N LYS A 40 -1.63 20.45 -15.67
CA LYS A 40 -2.03 21.46 -16.67
C LYS A 40 -2.49 20.88 -17.98
N THR A 41 -2.41 19.58 -18.14
CA THR A 41 -2.88 18.90 -19.35
C THR A 41 -4.41 18.94 -19.43
N ARG A 42 -4.91 18.76 -20.64
CA ARG A 42 -6.33 18.89 -20.99
C ARG A 42 -6.65 17.79 -22.01
N PRO A 43 -7.90 17.46 -22.22
CA PRO A 43 -8.25 16.37 -23.15
C PRO A 43 -7.64 16.51 -24.53
N GLU A 44 -7.51 17.76 -25.00
CA GLU A 44 -6.94 18.03 -26.33
C GLU A 44 -5.51 17.58 -26.45
N ASP A 45 -4.74 17.59 -25.36
CA ASP A 45 -3.36 17.10 -25.35
C ASP A 45 -3.29 15.57 -25.64
N PHE A 46 -4.39 14.84 -25.44
CA PHE A 46 -4.42 13.38 -25.61
C PHE A 46 -5.33 12.91 -26.74
N ARG A 47 -6.04 13.83 -27.40
CA ARG A 47 -6.89 13.48 -28.58
C ARG A 47 -6.09 12.90 -29.73
N ASP A 48 -4.85 13.33 -29.90
CA ASP A 48 -4.03 12.83 -31.00
C ASP A 48 -2.74 12.21 -30.50
N LEU A 49 -2.79 11.44 -29.42
CA LEU A 49 -1.59 10.86 -28.82
C LEU A 49 -1.78 9.36 -28.65
N SER A 50 -0.83 8.59 -29.20
CA SER A 50 -0.96 7.14 -29.29
C SER A 50 0.38 6.49 -29.31
N PHE A 51 0.53 5.36 -28.57
CA PHE A 51 1.72 4.50 -28.59
C PHE A 51 1.37 3.05 -28.93
N PRO A 52 1.00 2.82 -30.19
CA PRO A 52 0.47 1.55 -30.63
C PRO A 52 1.49 0.45 -30.74
N LYS A 53 2.76 0.81 -30.67
CA LYS A 53 3.78 -0.22 -30.64
C LYS A 53 4.02 -0.91 -29.30
N LEU A 54 3.61 -0.32 -28.20
CA LEU A 54 3.85 -0.91 -26.89
C LEU A 54 2.97 -2.15 -26.64
N ILE A 55 3.65 -3.26 -26.36
CA ILE A 55 3.04 -4.58 -26.26
C ILE A 55 3.12 -5.06 -24.84
N MET A 56 4.20 -4.69 -24.18
CA MET A 56 4.48 -5.28 -22.90
C MET A 56 5.30 -4.41 -21.96
N ILE A 57 4.96 -4.48 -20.66
CA ILE A 57 5.71 -3.83 -19.60
C ILE A 57 6.16 -4.92 -18.63
N THR A 58 7.46 -4.99 -18.29
CA THR A 58 7.90 -6.15 -17.47
C THR A 58 7.57 -6.02 -16.01
N ASP A 59 7.48 -4.77 -15.54
CA ASP A 59 7.19 -4.52 -14.08
C ASP A 59 5.71 -4.12 -13.87
N TYR A 60 5.45 -2.81 -13.71
CA TYR A 60 4.12 -2.34 -13.44
C TYR A 60 3.81 -1.03 -14.21
N LEU A 61 2.52 -0.76 -14.34
CA LEU A 61 2.00 0.50 -14.94
C LEU A 61 1.28 1.27 -13.84
N LEU A 62 1.65 2.53 -13.64
CA LEU A 62 1.07 3.41 -12.63
C LEU A 62 0.70 4.79 -13.23
N LEU A 63 -0.56 5.18 -13.01
CA LEU A 63 -1.10 6.47 -13.48
C LEU A 63 -1.73 7.16 -12.26
N PHE A 64 -1.31 8.39 -12.03
CA PHE A 64 -1.70 9.16 -10.83
C PHE A 64 -1.82 10.66 -11.16
N ARG A 65 -2.98 11.26 -10.91
CA ARG A 65 -3.15 12.73 -11.16
C ARG A 65 -2.70 13.21 -12.55
N VAL A 66 -3.22 12.58 -13.60
CA VAL A 66 -2.95 13.04 -14.94
C VAL A 66 -4.26 13.65 -15.44
N TYR A 67 -4.26 14.99 -15.50
CA TYR A 67 -5.48 15.76 -15.82
C TYR A 67 -5.75 15.70 -17.30
N GLY A 68 -7.04 15.65 -17.64
CA GLY A 68 -7.46 15.67 -19.03
C GLY A 68 -7.50 14.32 -19.70
N LEU A 69 -6.92 13.28 -19.10
CA LEU A 69 -6.87 11.92 -19.73
C LEU A 69 -8.14 11.17 -19.35
N GLU A 70 -8.92 10.81 -20.36
CA GLU A 70 -10.28 10.25 -20.25
C GLU A 70 -10.40 8.74 -20.52
N SER A 71 -9.43 8.20 -21.22
CA SER A 71 -9.42 6.81 -21.61
C SER A 71 -7.97 6.53 -21.96
N LEU A 72 -7.59 5.26 -21.80
CA LEU A 72 -6.32 4.78 -22.25
C LEU A 72 -6.38 4.05 -23.60
N LYS A 73 -7.54 3.96 -24.24
CA LYS A 73 -7.72 3.13 -25.42
C LYS A 73 -6.91 3.60 -26.65
N ASP A 74 -6.59 4.90 -26.71
CA ASP A 74 -5.77 5.43 -27.77
C ASP A 74 -4.35 5.52 -27.34
N LEU A 75 -4.13 5.74 -26.05
CA LEU A 75 -2.76 5.80 -25.59
C LEU A 75 -2.07 4.43 -25.73
N PHE A 76 -2.67 3.39 -25.15
CA PHE A 76 -2.02 2.05 -25.12
C PHE A 76 -2.91 0.94 -25.70
N PRO A 77 -3.26 1.08 -26.96
CA PRO A 77 -4.23 0.17 -27.58
C PRO A 77 -3.78 -1.29 -27.69
N ASN A 78 -2.47 -1.53 -27.74
CA ASN A 78 -1.91 -2.88 -27.98
C ASN A 78 -1.18 -3.51 -26.79
N LEU A 79 -1.20 -2.82 -25.65
CA LEU A 79 -0.59 -3.31 -24.44
C LEU A 79 -1.32 -4.57 -24.03
N THR A 80 -0.58 -5.69 -24.07
CA THR A 80 -1.10 -7.06 -23.96
C THR A 80 -0.75 -7.78 -22.66
N VAL A 81 0.42 -7.49 -22.12
CA VAL A 81 0.96 -8.16 -20.96
C VAL A 81 1.67 -7.16 -20.05
N ILE A 82 1.37 -7.27 -18.76
CA ILE A 82 2.16 -6.62 -17.71
C ILE A 82 2.65 -7.77 -16.85
N ARG A 83 3.96 -8.00 -16.86
CA ARG A 83 4.53 -9.21 -16.22
C ARG A 83 4.62 -9.13 -14.71
N GLY A 84 4.81 -7.93 -14.16
CA GLY A 84 4.78 -7.80 -12.71
C GLY A 84 6.03 -8.33 -12.06
N SER A 85 7.17 -8.25 -12.72
CA SER A 85 8.43 -8.77 -12.15
C SER A 85 8.86 -8.03 -10.92
N ARG A 86 8.72 -6.70 -10.96
CA ARG A 86 8.74 -5.87 -9.80
C ARG A 86 7.38 -5.19 -9.74
N LEU A 87 6.96 -4.88 -8.52
CA LEU A 87 5.62 -4.40 -8.28
C LEU A 87 5.67 -3.10 -7.49
N PHE A 88 4.54 -2.39 -7.50
CA PHE A 88 4.39 -1.18 -6.71
C PHE A 88 3.57 -1.63 -5.55
N PHE A 89 4.25 -1.76 -4.41
CA PHE A 89 3.75 -2.52 -3.28
C PHE A 89 3.52 -3.91 -3.84
N ASN A 90 2.29 -4.39 -3.84
CA ASN A 90 1.99 -5.68 -4.44
C ASN A 90 1.19 -5.56 -5.76
N TYR A 91 1.23 -4.38 -6.39
CA TYR A 91 0.38 -4.12 -7.57
C TYR A 91 1.16 -4.03 -8.87
N ALA A 92 0.62 -4.67 -9.91
CA ALA A 92 1.16 -4.57 -11.26
C ALA A 92 0.45 -3.46 -12.08
N LEU A 93 -0.74 -3.04 -11.63
CA LEU A 93 -1.49 -2.00 -12.29
C LEU A 93 -2.11 -1.06 -11.23
N VAL A 94 -1.78 0.22 -11.33
CA VAL A 94 -2.22 1.24 -10.36
C VAL A 94 -2.81 2.46 -11.06
N ILE A 95 -4.07 2.75 -10.75
CA ILE A 95 -4.82 3.88 -11.31
C ILE A 95 -5.33 4.61 -10.07
N PHE A 96 -4.74 5.76 -9.77
CA PHE A 96 -5.01 6.48 -8.53
C PHE A 96 -5.22 7.98 -8.74
N GLU A 97 -6.33 8.53 -8.26
CA GLU A 97 -6.63 9.99 -8.35
C GLU A 97 -6.47 10.48 -9.79
N MET A 98 -7.00 9.67 -10.71
CA MET A 98 -7.11 10.02 -12.13
C MET A 98 -8.45 10.72 -12.37
N VAL A 99 -8.43 12.02 -12.07
CA VAL A 99 -9.63 12.85 -11.87
C VAL A 99 -10.61 12.86 -13.04
N HIS A 100 -10.10 12.61 -14.26
CA HIS A 100 -10.91 12.69 -15.47
C HIS A 100 -11.09 11.36 -16.20
N LEU A 101 -10.53 10.27 -15.67
CA LEU A 101 -10.55 9.00 -16.38
C LEU A 101 -11.94 8.40 -16.32
N LYS A 102 -12.51 8.14 -17.49
CA LYS A 102 -13.87 7.67 -17.60
C LYS A 102 -13.90 6.17 -17.83
N GLU A 103 -12.84 5.62 -18.42
CA GLU A 103 -12.75 4.18 -18.67
C GLU A 103 -11.28 3.84 -18.73
N LEU A 104 -10.92 2.59 -18.45
CA LEU A 104 -9.56 2.13 -18.67
C LEU A 104 -9.29 2.02 -20.16
N GLY A 105 -10.06 1.19 -20.82
CA GLY A 105 -9.91 1.01 -22.26
C GLY A 105 -8.70 0.25 -22.76
N LEU A 106 -8.05 -0.52 -21.89
CA LEU A 106 -6.90 -1.33 -22.24
C LEU A 106 -7.41 -2.61 -22.90
N TYR A 107 -8.00 -2.48 -24.09
CA TYR A 107 -8.73 -3.56 -24.72
C TYR A 107 -7.89 -4.70 -25.27
N ASN A 108 -6.57 -4.53 -25.30
CA ASN A 108 -5.69 -5.68 -25.62
C ASN A 108 -5.00 -6.34 -24.43
N LEU A 109 -5.35 -5.93 -23.21
CA LEU A 109 -4.64 -6.44 -22.04
C LEU A 109 -5.18 -7.81 -21.69
N MET A 110 -4.35 -8.84 -21.86
CA MET A 110 -4.79 -10.23 -21.74
C MET A 110 -4.33 -10.91 -20.47
N ASN A 111 -3.19 -10.47 -19.95
CA ASN A 111 -2.54 -11.15 -18.88
C ASN A 111 -1.75 -10.21 -17.98
N ILE A 112 -1.89 -10.39 -16.67
CA ILE A 112 -1.04 -9.79 -15.67
C ILE A 112 -0.41 -10.97 -14.94
N THR A 113 0.87 -11.15 -15.15
CA THR A 113 1.50 -12.41 -14.88
C THR A 113 1.79 -12.58 -13.41
N ARG A 114 2.11 -11.49 -12.73
CA ARG A 114 2.30 -11.46 -11.31
C ARG A 114 1.81 -10.12 -10.77
N GLY A 115 1.26 -10.15 -9.54
CA GLY A 115 0.77 -8.95 -8.87
C GLY A 115 -0.71 -8.69 -9.05
N SER A 116 -1.22 -7.68 -8.32
CA SER A 116 -2.62 -7.35 -8.31
C SER A 116 -2.94 -5.97 -8.94
N VAL A 117 -4.23 -5.64 -8.97
CA VAL A 117 -4.74 -4.41 -9.54
C VAL A 117 -5.28 -3.50 -8.41
N ARG A 118 -4.79 -2.26 -8.37
CA ARG A 118 -5.36 -1.24 -7.47
C ARG A 118 -5.87 -0.03 -8.26
N ILE A 119 -7.18 0.13 -8.30
CA ILE A 119 -7.84 1.20 -8.99
C ILE A 119 -8.71 1.91 -7.95
N GLU A 120 -8.25 3.06 -7.49
CA GLU A 120 -8.76 3.75 -6.30
C GLU A 120 -8.94 5.27 -6.49
N LYS A 121 -10.10 5.81 -6.08
CA LYS A 121 -10.34 7.27 -6.02
C LYS A 121 -10.32 8.00 -7.36
N ASN A 122 -11.04 7.41 -8.29
CA ASN A 122 -11.18 7.88 -9.65
C ASN A 122 -12.63 8.28 -9.86
N ASN A 123 -12.90 9.56 -9.68
CA ASN A 123 -14.31 9.99 -9.51
C ASN A 123 -15.19 9.89 -10.72
N GLU A 124 -14.60 9.83 -11.92
CA GLU A 124 -15.37 9.65 -13.15
C GLU A 124 -15.32 8.20 -13.67
N LEU A 125 -14.65 7.28 -12.97
CA LEU A 125 -14.24 6.02 -13.62
C LEU A 125 -15.32 4.94 -13.66
N CYS A 126 -15.64 4.54 -14.89
CA CYS A 126 -16.64 3.50 -15.18
C CYS A 126 -16.01 2.42 -16.05
N TYR A 127 -16.82 1.56 -16.65
CA TYR A 127 -16.35 0.39 -17.39
C TYR A 127 -15.42 -0.51 -16.55
N LEU A 128 -15.72 -0.62 -15.28
CA LEU A 128 -15.04 -1.54 -14.37
C LEU A 128 -15.88 -2.77 -14.12
N ALA A 129 -17.20 -2.59 -13.97
CA ALA A 129 -18.07 -3.73 -13.73
C ALA A 129 -18.13 -4.66 -14.92
N THR A 130 -17.77 -4.13 -16.10
CA THR A 130 -17.83 -4.87 -17.37
C THR A 130 -16.63 -5.76 -17.68
N ILE A 131 -15.58 -5.63 -16.87
CA ILE A 131 -14.33 -6.30 -17.10
C ILE A 131 -14.34 -7.59 -16.28
N ASP A 132 -14.12 -8.72 -16.94
CA ASP A 132 -13.81 -9.96 -16.22
C ASP A 132 -12.30 -10.10 -15.96
N TRP A 133 -11.90 -9.72 -14.75
CA TRP A 133 -10.52 -9.80 -14.37
C TRP A 133 -9.98 -11.27 -14.22
N SER A 134 -10.87 -12.23 -14.00
CA SER A 134 -10.46 -13.64 -13.91
C SER A 134 -9.83 -14.17 -15.21
N ARG A 135 -10.05 -13.52 -16.34
CA ARG A 135 -9.34 -13.89 -17.54
C ARG A 135 -7.93 -13.35 -17.58
N ILE A 136 -7.63 -12.37 -16.70
CA ILE A 136 -6.39 -11.61 -16.76
C ILE A 136 -5.41 -11.96 -15.62
N LEU A 137 -5.95 -12.18 -14.43
CA LEU A 137 -5.19 -12.55 -13.23
C LEU A 137 -5.65 -13.89 -12.72
N ASP A 138 -4.72 -14.79 -12.41
CA ASP A 138 -5.07 -16.07 -11.74
C ASP A 138 -5.84 -15.80 -10.45
N SER A 139 -5.45 -14.81 -9.65
CA SER A 139 -6.18 -14.50 -8.43
C SER A 139 -6.53 -13.00 -8.36
N VAL A 140 -7.81 -12.72 -8.12
CA VAL A 140 -8.33 -11.36 -8.04
C VAL A 140 -8.55 -10.97 -6.58
N GLU A 141 -8.04 -11.78 -5.68
CA GLU A 141 -8.41 -11.68 -4.27
C GLU A 141 -7.74 -10.49 -3.62
N ASP A 142 -6.55 -10.11 -4.09
CA ASP A 142 -5.91 -8.90 -3.56
C ASP A 142 -6.14 -7.59 -4.36
N ASN A 143 -7.02 -7.65 -5.35
CA ASN A 143 -7.41 -6.47 -6.10
C ASN A 143 -8.04 -5.50 -5.08
N HIS A 144 -7.82 -4.19 -5.31
CA HIS A 144 -8.39 -3.15 -4.45
C HIS A 144 -8.98 -2.09 -5.37
N ILE A 145 -10.28 -2.23 -5.64
CA ILE A 145 -10.95 -1.43 -6.61
C ILE A 145 -12.07 -0.78 -5.89
N VAL A 146 -11.85 0.46 -5.42
CA VAL A 146 -12.78 1.22 -4.61
C VAL A 146 -12.76 2.73 -4.85
N LEU A 147 -13.83 3.37 -4.37
CA LEU A 147 -14.04 4.81 -4.45
C LEU A 147 -13.93 5.34 -5.90
N ASN A 148 -14.60 4.65 -6.81
CA ASN A 148 -14.74 5.09 -8.21
C ASN A 148 -16.20 5.42 -8.52
N LYS A 149 -16.45 6.10 -9.62
CA LYS A 149 -17.86 6.37 -10.02
C LYS A 149 -18.70 5.08 -10.03
N ASP A 150 -18.06 3.99 -10.39
CA ASP A 150 -18.63 2.68 -10.47
C ASP A 150 -19.23 2.14 -9.17
N ASP A 151 -18.82 2.68 -8.03
CA ASP A 151 -19.37 2.33 -6.72
C ASP A 151 -20.81 2.81 -6.55
N ASN A 152 -21.25 3.81 -7.31
CA ASN A 152 -22.61 4.35 -7.25
C ASN A 152 -23.48 3.80 -8.43
N GLU A 153 -24.59 4.43 -8.77
CA GLU A 153 -25.65 3.81 -9.59
C GLU A 153 -25.86 4.45 -10.94
N GLU A 154 -24.95 5.35 -11.34
CA GLU A 154 -25.12 6.15 -12.56
C GLU A 154 -23.94 6.08 -13.54
N CYS A 155 -23.27 4.94 -13.64
CA CYS A 155 -22.19 4.83 -14.66
C CYS A 155 -22.68 4.92 -16.10
N GLY A 156 -23.82 4.29 -16.37
CA GLY A 156 -24.36 4.22 -17.73
C GLY A 156 -23.51 3.38 -18.70
N ASP A 157 -22.85 2.33 -18.16
CA ASP A 157 -22.00 1.48 -18.98
C ASP A 157 -22.84 0.83 -20.08
N ILE A 158 -22.29 0.81 -21.28
CA ILE A 158 -23.00 0.26 -22.44
C ILE A 158 -22.03 -0.42 -23.38
N CYS A 159 -22.32 -1.66 -23.72
CA CYS A 159 -21.36 -2.55 -24.40
C CYS A 159 -21.78 -2.66 -25.87
N PRO A 160 -20.84 -2.99 -26.76
CA PRO A 160 -21.14 -3.20 -28.20
C PRO A 160 -22.36 -4.10 -28.49
N GLY A 161 -23.22 -3.60 -29.39
CA GLY A 161 -24.49 -4.26 -29.74
C GLY A 161 -25.74 -3.77 -29.04
N THR A 162 -25.60 -3.08 -27.91
CA THR A 162 -26.73 -2.86 -26.99
C THR A 162 -27.87 -2.07 -27.66
N ALA A 163 -27.49 -0.99 -28.35
CA ALA A 163 -28.48 -0.18 -29.05
C ALA A 163 -29.31 -1.00 -30.04
N LYS A 164 -28.68 -1.96 -30.71
CA LYS A 164 -29.37 -2.82 -31.65
C LYS A 164 -29.96 -4.06 -31.01
N GLY A 165 -30.01 -4.12 -29.69
CA GLY A 165 -30.65 -5.24 -29.00
C GLY A 165 -29.76 -6.47 -28.87
N LYS A 166 -28.47 -6.31 -29.15
CA LYS A 166 -27.54 -7.44 -29.24
C LYS A 166 -26.53 -7.41 -28.12
N THR A 167 -26.01 -8.58 -27.77
CA THR A 167 -24.85 -8.72 -26.93
C THR A 167 -23.71 -9.32 -27.77
N ASN A 168 -22.97 -8.45 -28.46
CA ASN A 168 -21.82 -8.82 -29.24
C ASN A 168 -20.61 -9.31 -28.40
N CYS A 169 -20.53 -8.98 -27.12
CA CYS A 169 -19.39 -9.37 -26.25
C CYS A 169 -19.66 -10.75 -25.62
N PRO A 170 -18.60 -11.47 -25.27
CA PRO A 170 -18.76 -12.81 -24.65
C PRO A 170 -19.20 -12.77 -23.19
N ALA A 171 -20.41 -12.32 -22.95
CA ALA A 171 -20.93 -12.21 -21.60
C ALA A 171 -20.91 -13.51 -20.86
N THR A 172 -20.87 -13.40 -19.54
CA THR A 172 -20.78 -14.55 -18.68
C THR A 172 -21.36 -14.19 -17.31
N VAL A 173 -21.61 -15.23 -16.49
CA VAL A 173 -21.93 -15.06 -15.06
C VAL A 173 -20.77 -15.62 -14.25
N ILE A 174 -20.21 -14.82 -13.35
CA ILE A 174 -19.10 -15.25 -12.50
C ILE A 174 -19.62 -15.17 -11.06
N ASN A 175 -19.68 -16.31 -10.38
CA ASN A 175 -20.46 -16.44 -9.12
C ASN A 175 -21.95 -16.25 -9.44
N GLY A 176 -22.59 -15.19 -8.88
CA GLY A 176 -23.92 -14.77 -9.35
C GLY A 176 -23.89 -13.41 -10.08
N GLN A 177 -22.70 -13.00 -10.51
CA GLN A 177 -22.59 -11.69 -11.15
C GLN A 177 -22.47 -11.86 -12.65
N PHE A 178 -23.42 -11.27 -13.37
CA PHE A 178 -23.30 -11.03 -14.81
C PHE A 178 -22.13 -10.04 -15.07
N VAL A 179 -21.32 -10.37 -16.06
CA VAL A 179 -20.23 -9.54 -16.50
C VAL A 179 -20.23 -9.65 -18.00
N GLU A 180 -20.47 -8.52 -18.67
CA GLU A 180 -20.73 -8.54 -20.13
C GLU A 180 -19.44 -8.74 -20.94
N ARG A 181 -18.32 -8.34 -20.35
CA ARG A 181 -16.98 -8.46 -20.94
C ARG A 181 -16.75 -7.47 -22.06
N CYS A 182 -16.62 -6.19 -21.66
CA CYS A 182 -16.19 -5.16 -22.55
C CYS A 182 -15.38 -4.12 -21.79
N TRP A 183 -14.60 -3.39 -22.57
CA TRP A 183 -13.71 -2.33 -22.11
C TRP A 183 -14.21 -0.92 -22.34
N THR A 184 -14.90 -0.71 -23.48
CA THR A 184 -15.54 0.54 -23.87
C THR A 184 -16.81 0.25 -24.69
N HIS A 185 -17.55 1.31 -25.06
CA HIS A 185 -18.75 1.17 -25.89
C HIS A 185 -18.44 0.47 -27.21
N SER A 186 -17.21 0.54 -27.68
CA SER A 186 -16.93 -0.06 -28.94
C SER A 186 -15.87 -1.18 -28.90
N HIS A 187 -15.44 -1.66 -27.73
CA HIS A 187 -14.44 -2.74 -27.67
C HIS A 187 -14.83 -3.81 -26.66
N CYS A 188 -15.02 -5.01 -27.17
CA CYS A 188 -15.21 -6.20 -26.34
C CYS A 188 -13.90 -6.61 -25.69
N GLN A 189 -14.02 -7.35 -24.58
CA GLN A 189 -12.92 -8.11 -24.02
C GLN A 189 -12.77 -9.41 -24.81
N LYS A 190 -11.54 -9.72 -25.17
CA LYS A 190 -11.22 -10.90 -25.98
C LYS A 190 -11.24 -12.12 -25.11
N VAL A 191 -11.81 -13.18 -25.64
CA VAL A 191 -11.87 -14.45 -24.92
C VAL A 191 -11.60 -15.54 -25.96
N CYS A 192 -10.94 -16.62 -25.54
CA CYS A 192 -10.49 -17.68 -26.41
C CYS A 192 -11.13 -18.94 -25.92
N PRO A 193 -11.21 -19.96 -26.76
CA PRO A 193 -11.60 -21.28 -26.29
C PRO A 193 -10.72 -21.74 -25.15
N THR A 194 -11.33 -22.56 -24.32
CA THR A 194 -10.70 -23.06 -23.12
C THR A 194 -9.42 -23.83 -23.46
N ILE A 195 -9.40 -24.53 -24.61
CA ILE A 195 -8.22 -25.28 -25.03
C ILE A 195 -6.97 -24.42 -25.20
N CYS A 196 -7.18 -23.12 -25.50
CA CYS A 196 -6.06 -22.18 -25.70
C CYS A 196 -5.42 -21.72 -24.40
N LYS A 197 -6.10 -21.94 -23.29
CA LYS A 197 -5.62 -21.50 -21.99
C LYS A 197 -5.25 -20.01 -22.04
N SER A 198 -4.06 -19.67 -21.57
CA SER A 198 -3.59 -18.29 -21.58
C SER A 198 -2.77 -17.95 -22.79
N HIS A 199 -2.69 -18.87 -23.77
CA HIS A 199 -1.82 -18.65 -24.94
C HIS A 199 -2.36 -17.68 -25.93
N GLY A 200 -3.66 -17.43 -25.89
CA GLY A 200 -4.29 -16.58 -26.94
C GLY A 200 -4.76 -17.40 -28.17
N CYS A 201 -5.47 -16.73 -29.06
CA CYS A 201 -5.94 -17.33 -30.26
C CYS A 201 -6.08 -16.23 -31.30
N THR A 202 -6.23 -16.59 -32.57
CA THR A 202 -6.56 -15.65 -33.63
C THR A 202 -8.05 -15.26 -33.58
N ALA A 203 -8.45 -14.34 -34.46
CA ALA A 203 -9.84 -13.89 -34.50
C ALA A 203 -10.76 -15.04 -34.80
N GLU A 204 -10.26 -16.03 -35.54
CA GLU A 204 -11.08 -17.18 -35.91
C GLU A 204 -11.11 -18.27 -34.87
N GLY A 205 -10.51 -18.02 -33.70
CA GLY A 205 -10.56 -18.95 -32.56
C GLY A 205 -9.44 -19.99 -32.49
N LEU A 206 -8.43 -19.87 -33.38
CA LEU A 206 -7.38 -20.87 -33.49
C LEU A 206 -6.23 -20.57 -32.50
N CYS A 207 -5.90 -21.57 -31.71
CA CYS A 207 -4.92 -21.45 -30.68
C CYS A 207 -3.55 -20.97 -31.14
N CYS A 208 -3.04 -19.98 -30.41
CA CYS A 208 -1.64 -19.64 -30.45
C CYS A 208 -0.83 -20.81 -29.87
N HIS A 209 0.43 -20.84 -30.23
CA HIS A 209 1.35 -21.80 -29.67
C HIS A 209 1.48 -21.66 -28.14
N SER A 210 1.82 -22.79 -27.50
CA SER A 210 1.93 -22.86 -26.07
C SER A 210 3.06 -22.00 -25.47
N GLU A 211 3.99 -21.54 -26.30
CA GLU A 211 5.04 -20.58 -25.85
C GLU A 211 4.57 -19.12 -25.96
N CYS A 212 3.43 -18.90 -26.65
CA CYS A 212 2.80 -17.57 -26.74
C CYS A 212 2.06 -17.21 -25.45
N LEU A 213 1.88 -15.91 -25.26
CA LEU A 213 1.11 -15.36 -24.15
C LEU A 213 0.13 -14.32 -24.71
N GLY A 214 -1.17 -14.58 -24.62
CA GLY A 214 -2.18 -13.55 -24.85
C GLY A 214 -2.71 -13.44 -26.27
N ASN A 215 -1.82 -13.44 -27.27
CA ASN A 215 -2.16 -13.19 -28.66
C ASN A 215 -1.05 -13.56 -29.61
N CYS A 216 -1.39 -13.83 -30.85
CA CYS A 216 -0.46 -14.12 -31.95
C CYS A 216 -1.03 -13.62 -33.27
N SER A 217 -0.18 -13.41 -34.27
CA SER A 217 -0.63 -13.12 -35.65
C SER A 217 -1.05 -14.38 -36.48
N GLN A 218 -0.54 -15.56 -36.08
CA GLN A 218 -0.88 -16.84 -36.71
C GLN A 218 -0.87 -17.92 -35.63
N PRO A 219 -1.69 -18.95 -35.83
CA PRO A 219 -1.82 -20.03 -34.90
C PRO A 219 -0.63 -20.97 -34.93
N ASP A 220 -0.42 -21.60 -33.77
CA ASP A 220 0.53 -22.67 -33.56
C ASP A 220 1.90 -22.43 -34.24
N ASP A 221 2.48 -21.27 -33.95
CA ASP A 221 3.81 -20.90 -34.41
C ASP A 221 4.47 -19.96 -33.38
N PRO A 222 5.56 -20.38 -32.75
CA PRO A 222 6.22 -19.55 -31.70
C PRO A 222 7.09 -18.41 -32.20
N THR A 223 7.11 -18.17 -33.51
CA THR A 223 7.73 -16.97 -34.04
C THR A 223 6.65 -15.96 -34.42
N LYS A 224 5.38 -16.24 -34.12
CA LYS A 224 4.26 -15.36 -34.49
C LYS A 224 3.49 -14.87 -33.27
N CYS A 225 4.09 -15.02 -32.11
CA CYS A 225 3.50 -14.55 -30.84
C CYS A 225 3.58 -13.05 -30.65
N VAL A 226 2.54 -12.44 -30.10
CA VAL A 226 2.62 -11.05 -29.67
C VAL A 226 3.51 -10.94 -28.43
N ALA A 227 3.41 -11.87 -27.51
CA ALA A 227 4.28 -11.87 -26.38
C ALA A 227 4.55 -13.31 -26.01
N CYS A 228 5.59 -13.50 -25.21
CA CYS A 228 6.03 -14.84 -24.82
C CYS A 228 5.60 -15.24 -23.44
N ARG A 229 5.24 -16.51 -23.27
CA ARG A 229 4.92 -17.06 -21.96
C ARG A 229 6.16 -17.08 -21.08
N ASN A 230 7.29 -17.55 -21.62
CA ASN A 230 8.52 -17.75 -20.85
C ASN A 230 9.59 -16.73 -21.27
N PHE A 231 10.45 -17.05 -22.26
CA PHE A 231 11.53 -16.14 -22.65
C PHE A 231 11.55 -15.86 -24.15
N TYR A 232 12.23 -14.79 -24.51
CA TYR A 232 12.33 -14.33 -25.87
C TYR A 232 13.78 -14.41 -26.36
N LEU A 233 13.98 -15.01 -27.54
CA LEU A 233 15.30 -14.94 -28.20
C LEU A 233 15.20 -15.02 -29.71
N ASP A 234 15.88 -14.11 -30.39
CA ASP A 234 16.03 -14.14 -31.85
C ASP A 234 14.70 -14.40 -32.56
N GLY A 235 13.74 -13.52 -32.30
CA GLY A 235 12.44 -13.60 -32.98
C GLY A 235 11.64 -14.83 -32.59
N ARG A 236 11.89 -15.43 -31.46
CA ARG A 236 11.18 -16.64 -31.09
C ARG A 236 10.88 -16.72 -29.60
N CYS A 237 9.73 -17.27 -29.24
CA CYS A 237 9.38 -17.53 -27.86
C CYS A 237 9.80 -18.93 -27.52
N VAL A 238 10.65 -19.01 -26.46
CA VAL A 238 11.27 -20.24 -25.95
C VAL A 238 11.04 -20.48 -24.43
N GLU A 239 10.92 -21.75 -24.10
CA GLU A 239 10.77 -22.17 -22.71
C GLU A 239 11.93 -21.79 -21.77
N THR A 240 13.17 -21.99 -22.22
CA THR A 240 14.37 -21.60 -21.48
C THR A 240 15.41 -21.00 -22.45
N CYS A 241 16.28 -20.16 -21.92
CA CYS A 241 17.41 -19.61 -22.65
C CYS A 241 18.46 -20.73 -22.88
N PRO A 242 18.92 -20.89 -24.12
CA PRO A 242 19.98 -21.84 -24.42
C PRO A 242 21.35 -21.18 -24.22
N PRO A 243 22.42 -22.00 -24.21
CA PRO A 243 23.77 -21.49 -24.17
C PRO A 243 24.11 -20.76 -25.43
N PRO A 244 24.93 -19.72 -25.33
CA PRO A 244 25.58 -19.30 -24.10
C PRO A 244 24.82 -18.16 -23.34
N TYR A 245 23.48 -18.15 -23.39
CA TYR A 245 22.70 -17.00 -22.91
C TYR A 245 22.19 -17.17 -21.48
N TYR A 246 21.95 -16.05 -20.81
CA TYR A 246 21.35 -16.01 -19.46
C TYR A 246 19.95 -15.42 -19.45
N HIS A 247 19.15 -15.91 -18.51
CA HIS A 247 17.81 -15.40 -18.28
C HIS A 247 17.86 -14.00 -17.63
N PHE A 248 17.23 -13.02 -18.27
CA PHE A 248 17.31 -11.65 -17.81
C PHE A 248 15.88 -11.04 -17.67
N GLN A 249 15.70 -10.39 -16.52
CA GLN A 249 14.46 -9.70 -16.12
C GLN A 249 13.26 -10.59 -16.28
N ASP A 250 13.47 -11.88 -16.11
CA ASP A 250 12.45 -12.91 -16.28
C ASP A 250 11.66 -12.90 -17.61
N TRP A 251 12.24 -12.37 -18.69
CA TRP A 251 11.59 -12.42 -20.03
C TRP A 251 12.52 -12.52 -21.28
N ARG A 252 13.78 -12.16 -21.17
CA ARG A 252 14.66 -12.35 -22.31
C ARG A 252 16.03 -13.04 -22.03
N CYS A 253 16.62 -13.51 -23.12
CA CYS A 253 17.95 -14.13 -23.14
C CYS A 253 19.02 -13.13 -23.51
N VAL A 254 20.05 -13.01 -22.69
CA VAL A 254 21.12 -12.06 -22.94
C VAL A 254 22.45 -12.81 -22.73
N ASN A 255 23.55 -12.20 -23.17
CA ASN A 255 24.86 -12.83 -23.09
C ASN A 255 25.67 -12.29 -21.92
N PHE A 256 26.78 -12.98 -21.62
CA PHE A 256 27.62 -12.57 -20.54
C PHE A 256 28.04 -11.11 -20.64
N SER A 257 28.37 -10.70 -21.83
CA SER A 257 28.96 -9.40 -22.06
C SER A 257 27.96 -8.27 -21.71
N PHE A 258 26.68 -8.52 -22.00
CA PHE A 258 25.59 -7.59 -21.65
C PHE A 258 25.47 -7.43 -20.14
N CYS A 259 25.47 -8.55 -19.44
CA CYS A 259 25.40 -8.56 -17.98
C CYS A 259 26.60 -7.87 -17.37
N GLN A 260 27.74 -8.04 -18.01
CA GLN A 260 28.97 -7.45 -17.56
C GLN A 260 28.96 -5.94 -17.78
N ASP A 261 28.49 -5.52 -18.95
CA ASP A 261 28.39 -4.09 -19.23
C ASP A 261 27.48 -3.37 -18.23
N LEU A 262 26.37 -4.00 -17.84
CA LEU A 262 25.48 -3.45 -16.80
C LEU A 262 26.19 -3.25 -15.48
N HIS A 263 26.88 -4.31 -15.05
CA HIS A 263 27.66 -4.32 -13.81
C HIS A 263 28.66 -3.15 -13.72
N HIS A 264 29.38 -2.92 -14.81
CA HIS A 264 30.43 -1.91 -14.87
C HIS A 264 29.94 -0.52 -15.29
N LYS A 265 28.67 -0.36 -15.61
CA LYS A 265 28.08 0.97 -15.70
C LYS A 265 27.76 1.42 -14.30
N CYS A 266 27.20 0.49 -13.52
CA CYS A 266 26.71 0.80 -12.19
C CYS A 266 27.82 1.00 -11.16
N LYS A 267 28.82 0.11 -11.20
CA LYS A 267 30.04 0.24 -10.39
C LYS A 267 30.70 1.62 -10.62
N ASN A 268 30.98 1.93 -11.89
CA ASN A 268 31.57 3.21 -12.31
C ASN A 268 30.74 4.41 -11.86
N SER A 269 29.41 4.25 -11.85
CA SER A 269 28.52 5.38 -11.62
C SER A 269 27.43 5.02 -10.60
N ARG A 270 27.85 4.79 -9.36
CA ARG A 270 26.89 4.64 -8.25
C ARG A 270 26.26 6.00 -7.92
N ARG A 271 25.48 6.51 -8.90
CA ARG A 271 24.69 7.72 -8.72
C ARG A 271 23.33 7.36 -8.08
N GLN A 272 23.14 6.07 -7.79
CA GLN A 272 21.96 5.55 -7.09
C GLN A 272 20.72 5.46 -8.00
N GLY A 273 20.83 4.67 -9.07
CA GLY A 273 19.65 4.23 -9.84
C GLY A 273 19.90 2.90 -10.55
N CYS A 274 20.62 2.00 -9.86
CA CYS A 274 21.18 0.79 -10.52
C CYS A 274 21.73 -0.25 -9.53
N HIS A 275 22.05 -1.42 -10.08
CA HIS A 275 22.76 -2.48 -9.34
C HIS A 275 23.95 -2.95 -10.15
N GLN A 276 24.92 -3.53 -9.45
CA GLN A 276 26.01 -4.23 -10.10
C GLN A 276 25.58 -5.69 -10.28
N TYR A 277 25.19 -6.03 -11.51
CA TYR A 277 24.60 -7.32 -11.84
C TYR A 277 25.56 -8.52 -11.70
N VAL A 278 25.00 -9.67 -11.37
CA VAL A 278 25.78 -10.87 -11.11
C VAL A 278 25.19 -12.06 -11.86
N ILE A 279 25.98 -13.11 -12.05
CA ILE A 279 25.50 -14.36 -12.59
C ILE A 279 25.16 -15.28 -11.46
N HIS A 280 23.99 -15.91 -11.54
CA HIS A 280 23.61 -16.95 -10.62
C HIS A 280 22.53 -17.86 -11.25
N ASN A 281 22.73 -19.18 -11.19
CA ASN A 281 21.78 -20.17 -11.75
C ASN A 281 21.25 -19.86 -13.18
N ASN A 282 22.15 -19.48 -14.09
CA ASN A 282 21.81 -19.12 -15.47
C ASN A 282 20.91 -17.89 -15.62
N LYS A 283 20.99 -17.00 -14.64
CA LYS A 283 20.31 -15.74 -14.66
C LYS A 283 21.32 -14.61 -14.45
N CYS A 284 21.10 -13.50 -15.12
CA CYS A 284 21.80 -12.28 -14.80
C CYS A 284 20.91 -11.50 -13.83
N ILE A 285 21.35 -11.30 -12.60
CA ILE A 285 20.49 -10.65 -11.58
C ILE A 285 21.09 -9.51 -10.81
N PRO A 286 20.23 -8.64 -10.23
CA PRO A 286 20.69 -7.40 -9.56
C PRO A 286 21.73 -7.62 -8.48
N GLU A 287 21.53 -8.63 -7.64
CA GLU A 287 22.51 -8.95 -6.63
C GLU A 287 22.46 -10.42 -6.20
N CYS A 288 23.54 -10.83 -5.52
CA CYS A 288 23.67 -12.18 -4.97
C CYS A 288 22.61 -12.45 -3.95
N PRO A 289 22.02 -13.63 -3.95
CA PRO A 289 21.08 -13.97 -2.90
C PRO A 289 21.81 -14.28 -1.58
N SER A 290 21.05 -14.45 -0.49
CA SER A 290 21.63 -14.78 0.82
C SER A 290 22.33 -16.10 0.75
N GLY A 291 23.50 -16.17 1.39
CA GLY A 291 24.28 -17.40 1.40
C GLY A 291 25.41 -17.36 0.39
N TYR A 292 25.45 -16.31 -0.43
CA TYR A 292 26.37 -16.23 -1.55
C TYR A 292 27.06 -14.91 -1.55
N THR A 293 28.24 -14.86 -2.16
CA THR A 293 28.96 -13.62 -2.35
C THR A 293 29.52 -13.69 -3.73
N MET A 294 29.92 -12.53 -4.23
CA MET A 294 30.24 -12.41 -5.62
C MET A 294 31.73 -12.47 -5.90
N ASN A 295 32.15 -13.65 -6.37
CA ASN A 295 33.42 -13.86 -7.04
C ASN A 295 33.61 -12.77 -8.09
N SER A 296 34.73 -12.07 -7.98
CA SER A 296 34.85 -10.74 -8.55
C SER A 296 35.29 -10.76 -10.00
N SER A 297 36.04 -11.81 -10.37
CA SER A 297 36.68 -11.85 -11.70
C SER A 297 35.77 -12.33 -12.83
N ASN A 298 34.56 -12.78 -12.49
CA ASN A 298 33.66 -13.39 -13.46
C ASN A 298 32.18 -13.24 -13.08
N LEU A 299 31.88 -12.23 -12.26
CA LEU A 299 30.52 -11.88 -11.84
C LEU A 299 29.70 -13.00 -11.23
N LEU A 300 30.35 -14.09 -10.83
CA LEU A 300 29.61 -15.28 -10.46
C LEU A 300 29.35 -15.41 -8.95
N CYS A 301 28.08 -15.47 -8.56
CA CYS A 301 27.74 -15.83 -7.19
C CYS A 301 28.26 -17.21 -6.82
N THR A 302 29.08 -17.27 -5.77
CA THR A 302 29.53 -18.53 -5.15
C THR A 302 29.06 -18.56 -3.71
N PRO A 303 28.71 -19.75 -3.23
CA PRO A 303 28.14 -19.87 -1.90
C PRO A 303 29.23 -19.66 -0.83
N CYS A 304 28.79 -19.42 0.40
CA CYS A 304 29.73 -19.14 1.47
C CYS A 304 30.07 -20.43 2.20
N LEU A 305 31.35 -20.63 2.48
CA LEU A 305 31.77 -21.67 3.46
C LEU A 305 31.27 -21.20 4.85
N GLY A 306 30.20 -21.85 5.33
CA GLY A 306 29.48 -21.38 6.53
C GLY A 306 28.79 -20.04 6.28
N PRO A 307 28.27 -19.38 7.31
CA PRO A 307 27.74 -18.01 7.17
C PRO A 307 28.72 -17.05 6.45
N CYS A 308 28.15 -16.07 5.75
CA CYS A 308 28.94 -15.15 4.94
C CYS A 308 29.70 -14.14 5.77
N PRO A 309 30.80 -13.64 5.24
CA PRO A 309 31.56 -12.55 5.86
C PRO A 309 30.73 -11.31 6.19
N LYS A 310 30.90 -10.81 7.41
CA LYS A 310 30.25 -9.59 7.83
C LYS A 310 31.21 -8.81 8.75
N VAL A 311 31.62 -7.65 8.25
CA VAL A 311 32.48 -6.74 8.96
C VAL A 311 31.60 -5.74 9.69
N CYS A 312 31.74 -5.67 11.01
CA CYS A 312 31.04 -4.66 11.80
C CYS A 312 31.99 -3.53 12.15
N HIS A 313 31.68 -2.33 11.67
CA HIS A 313 32.50 -1.16 11.95
C HIS A 313 31.90 -0.47 13.15
N LEU A 314 32.63 -0.42 14.26
CA LEU A 314 32.13 0.13 15.51
C LEU A 314 32.26 1.64 15.48
N LEU A 315 31.34 2.33 16.12
CA LEU A 315 31.39 3.78 16.20
C LEU A 315 32.59 4.23 17.03
N GLU A 316 33.41 5.08 16.44
CA GLU A 316 34.64 5.54 17.06
C GLU A 316 35.56 4.38 17.50
N GLY A 317 35.46 3.25 16.81
CA GLY A 317 36.35 2.13 17.02
C GLY A 317 36.19 1.38 18.31
N GLU A 318 35.08 1.56 19.01
CA GLU A 318 34.86 0.71 20.17
C GLU A 318 33.40 0.44 20.49
N LYS A 319 33.19 -0.61 21.27
CA LYS A 319 31.91 -0.91 21.83
C LYS A 319 32.06 -1.70 23.10
N THR A 320 31.25 -1.34 24.07
CA THR A 320 31.17 -2.01 25.34
C THR A 320 29.98 -2.98 25.36
N ILE A 321 30.29 -4.24 25.61
CA ILE A 321 29.29 -5.26 25.85
C ILE A 321 29.14 -5.57 27.31
N ASP A 322 28.01 -5.09 27.82
CA ASP A 322 27.68 -5.19 29.20
C ASP A 322 26.29 -5.79 29.43
N SER A 323 25.81 -6.54 28.43
CA SER A 323 24.52 -7.22 28.45
C SER A 323 24.41 -8.11 27.23
N VAL A 324 23.46 -9.05 27.32
CA VAL A 324 23.11 -9.92 26.17
C VAL A 324 22.52 -9.04 25.05
N THR A 325 21.77 -8.04 25.45
CA THR A 325 21.24 -7.11 24.46
C THR A 325 22.29 -6.44 23.62
N SER A 326 23.35 -5.90 24.22
CA SER A 326 24.37 -5.20 23.42
C SER A 326 25.14 -6.18 22.55
N ALA A 327 25.39 -7.38 23.07
CA ALA A 327 26.07 -8.45 22.31
C ALA A 327 25.30 -8.85 21.05
N GLN A 328 23.97 -8.91 21.19
CA GLN A 328 23.05 -9.11 20.05
C GLN A 328 23.32 -8.19 18.85
N GLU A 329 23.62 -6.92 19.13
CA GLU A 329 23.91 -5.96 18.09
C GLU A 329 25.06 -6.37 17.20
N LEU A 330 25.82 -7.37 17.62
CA LEU A 330 26.94 -7.88 16.84
C LEU A 330 26.72 -9.27 16.22
N ARG A 331 25.50 -9.82 16.38
CA ARG A 331 25.14 -11.08 15.75
C ARG A 331 25.38 -11.07 14.25
N GLY A 332 25.96 -12.14 13.74
CA GLY A 332 26.37 -12.16 12.34
C GLY A 332 27.79 -11.69 12.03
N CYS A 333 28.42 -10.90 12.92
CA CYS A 333 29.76 -10.37 12.63
C CYS A 333 30.78 -11.48 12.59
N THR A 334 31.65 -11.40 11.59
CA THR A 334 32.82 -12.28 11.50
C THR A 334 34.12 -11.48 11.66
N VAL A 335 34.04 -10.17 11.40
CA VAL A 335 35.17 -9.29 11.59
C VAL A 335 34.70 -8.07 12.37
N ILE A 336 35.40 -7.79 13.47
CA ILE A 336 35.25 -6.52 14.22
C ILE A 336 36.33 -5.55 13.78
N ASN A 337 35.89 -4.39 13.34
CA ASN A 337 36.75 -3.31 13.02
C ASN A 337 36.62 -2.30 14.16
N GLY A 338 37.57 -2.39 15.10
CA GLY A 338 37.50 -1.70 16.36
C GLY A 338 37.88 -2.61 17.49
N SER A 339 37.44 -2.26 18.70
CA SER A 339 37.92 -2.90 19.93
C SER A 339 36.70 -3.19 20.76
N LEU A 340 36.69 -4.30 21.48
CA LEU A 340 35.57 -4.60 22.36
C LEU A 340 35.93 -4.56 23.85
N ILE A 341 35.02 -4.05 24.68
CA ILE A 341 35.14 -4.08 26.15
C ILE A 341 34.02 -4.93 26.76
N ILE A 342 34.35 -5.99 27.49
CA ILE A 342 33.32 -6.82 28.10
C ILE A 342 33.14 -6.54 29.59
N ASN A 343 31.90 -6.33 30.00
CA ASN A 343 31.57 -5.85 31.36
C ASN A 343 30.26 -6.49 31.79
N ILE A 344 30.33 -7.79 32.02
CA ILE A 344 29.13 -8.55 32.28
C ILE A 344 29.09 -9.08 33.70
N ARG A 345 28.16 -8.58 34.50
CA ARG A 345 28.10 -8.91 35.90
C ARG A 345 27.07 -9.95 36.28
N GLY A 346 26.09 -10.16 35.45
CA GLY A 346 25.07 -11.13 35.75
C GLY A 346 24.21 -11.41 34.56
N GLY A 347 23.25 -12.32 34.76
CA GLY A 347 22.31 -12.66 33.72
C GLY A 347 22.01 -14.14 33.63
N ASN A 348 21.35 -14.52 32.53
N ASN A 348 21.54 -14.56 32.47
CA ASN A 348 20.82 -15.89 32.28
CA ASN A 348 20.98 -15.86 32.34
C ASN A 348 21.41 -16.56 31.03
N ASN A 349 21.91 -17.78 31.20
CA ASN A 349 22.28 -18.65 30.07
C ASN A 349 23.31 -17.99 29.17
N LEU A 350 24.32 -17.41 29.82
CA LEU A 350 25.15 -16.40 29.18
C LEU A 350 26.11 -17.01 28.20
N ALA A 351 26.59 -18.21 28.49
CA ALA A 351 27.59 -18.83 27.64
C ALA A 351 26.99 -19.16 26.28
N ALA A 352 25.73 -19.59 26.29
CA ALA A 352 25.00 -19.90 25.06
C ALA A 352 24.59 -18.63 24.33
N GLU A 353 24.02 -17.71 25.08
CA GLU A 353 23.65 -16.42 24.48
C GLU A 353 24.83 -15.67 23.87
N LEU A 354 25.91 -15.57 24.63
CA LEU A 354 27.08 -14.86 24.17
C LEU A 354 27.71 -15.58 23.00
N GLU A 355 27.71 -16.92 23.04
CA GLU A 355 28.22 -17.70 21.93
C GLU A 355 27.36 -17.48 20.65
N ALA A 356 26.04 -17.43 20.80
CA ALA A 356 25.15 -17.15 19.69
C ALA A 356 25.47 -15.82 18.97
N ASN A 357 25.82 -14.80 19.75
CA ASN A 357 25.98 -13.43 19.23
C ASN A 357 27.39 -13.05 18.84
N LEU A 358 28.35 -13.79 19.39
CA LEU A 358 29.78 -13.42 19.30
C LEU A 358 30.65 -14.57 18.83
N GLY A 359 30.02 -15.75 18.71
CA GLY A 359 30.69 -16.98 18.30
C GLY A 359 31.23 -17.02 16.89
N LEU A 360 30.73 -16.16 16.01
CA LEU A 360 31.26 -16.08 14.63
C LEU A 360 32.43 -15.10 14.46
N ILE A 361 32.76 -14.31 15.49
CA ILE A 361 33.81 -13.32 15.33
C ILE A 361 35.12 -14.09 15.16
N GLU A 362 35.78 -13.82 14.05
CA GLU A 362 37.06 -14.45 13.73
C GLU A 362 38.24 -13.55 14.05
N GLU A 363 38.00 -12.26 13.88
CA GLU A 363 39.04 -11.29 13.94
C GLU A 363 38.52 -10.02 14.64
N ILE A 364 39.40 -9.38 15.43
CA ILE A 364 39.16 -8.06 16.04
C ILE A 364 40.35 -7.24 15.65
N SER A 365 40.15 -6.09 15.01
CA SER A 365 41.31 -5.30 14.56
C SER A 365 42.03 -4.43 15.63
N GLY A 366 41.31 -4.10 16.72
CA GLY A 366 41.91 -3.27 17.79
C GLY A 366 42.30 -4.20 18.94
N TYR A 367 41.72 -3.98 20.11
CA TYR A 367 42.06 -4.75 21.28
C TYR A 367 40.83 -5.39 21.86
N LEU A 368 41.03 -6.34 22.76
CA LEU A 368 39.96 -6.98 23.49
C LEU A 368 40.21 -6.82 24.99
N LYS A 369 39.24 -6.25 25.71
CA LYS A 369 39.40 -5.91 27.12
C LYS A 369 38.28 -6.53 27.93
N ILE A 370 38.61 -7.34 28.94
CA ILE A 370 37.60 -7.90 29.85
C ILE A 370 37.87 -7.34 31.24
N ARG A 371 36.89 -6.61 31.80
CA ARG A 371 37.04 -6.06 33.15
C ARG A 371 35.75 -5.94 33.96
N ARG A 372 35.83 -6.33 35.22
CA ARG A 372 34.70 -6.39 36.14
C ARG A 372 33.56 -7.27 35.64
N SER A 373 33.91 -8.21 34.75
CA SER A 373 32.95 -9.16 34.20
C SER A 373 32.80 -10.31 35.18
N TYR A 374 32.11 -10.03 36.25
CA TYR A 374 31.99 -10.93 37.36
C TYR A 374 31.36 -12.27 36.95
N ALA A 375 30.37 -12.22 36.05
CA ALA A 375 29.65 -13.42 35.62
C ALA A 375 30.47 -14.42 34.79
N LEU A 376 31.58 -14.04 34.18
CA LEU A 376 32.21 -14.94 33.24
C LEU A 376 33.12 -16.01 33.89
N VAL A 377 32.91 -17.26 33.49
CA VAL A 377 33.80 -18.36 33.88
C VAL A 377 34.79 -18.69 32.75
N SER A 378 34.47 -18.29 31.52
CA SER A 378 35.31 -18.59 30.40
C SER A 378 35.09 -17.56 29.31
N LEU A 379 36.06 -17.43 28.41
CA LEU A 379 35.96 -16.63 27.20
C LEU A 379 35.74 -17.50 25.93
N SER A 380 35.35 -18.76 26.13
CA SER A 380 35.21 -19.72 25.02
C SER A 380 34.00 -19.42 24.10
N PHE A 381 32.98 -18.74 24.64
CA PHE A 381 31.92 -18.17 23.81
C PHE A 381 32.45 -17.46 22.56
N PHE A 382 33.68 -16.95 22.61
CA PHE A 382 34.36 -16.37 21.44
C PHE A 382 34.91 -17.51 20.54
N ARG A 383 33.99 -18.34 20.05
CA ARG A 383 34.28 -19.70 19.52
C ARG A 383 35.21 -19.69 18.32
N LYS A 384 35.07 -18.66 17.47
CA LYS A 384 35.84 -18.60 16.22
C LYS A 384 36.93 -17.54 16.23
N LEU A 385 37.14 -16.88 17.37
CA LEU A 385 38.15 -15.82 17.42
C LEU A 385 39.58 -16.37 17.31
N ARG A 386 40.27 -15.96 16.26
CA ARG A 386 41.60 -16.49 15.98
CA ARG A 386 41.59 -16.49 15.90
C ARG A 386 42.62 -15.37 15.82
N LEU A 387 42.16 -14.18 15.49
CA LEU A 387 43.08 -13.05 15.37
C LEU A 387 42.62 -11.85 16.23
N ILE A 388 43.58 -11.22 16.92
CA ILE A 388 43.50 -9.87 17.46
C ILE A 388 44.68 -9.12 16.89
N ARG A 389 44.43 -8.06 16.15
CA ARG A 389 45.50 -7.41 15.42
C ARG A 389 46.29 -6.36 16.21
N GLY A 390 45.64 -5.72 17.21
CA GLY A 390 46.26 -4.67 17.98
C GLY A 390 46.60 -3.42 17.18
N GLU A 391 45.79 -3.09 16.19
CA GLU A 391 45.99 -1.87 15.42
C GLU A 391 45.65 -0.63 16.23
N THR A 392 44.79 -0.81 17.23
CA THR A 392 44.67 0.11 18.34
C THR A 392 44.80 -0.70 19.60
N LEU A 393 45.22 0.00 20.66
CA LEU A 393 45.55 -0.64 21.94
C LEU A 393 45.01 0.13 23.13
N GLU A 394 44.80 -0.53 24.25
CA GLU A 394 44.46 0.12 25.50
C GLU A 394 45.71 0.84 26.06
N ILE A 395 45.48 1.92 26.84
CA ILE A 395 46.55 2.73 27.44
C ILE A 395 47.57 1.78 28.07
N GLY A 396 48.84 1.94 27.70
CA GLY A 396 49.89 0.99 28.10
C GLY A 396 50.27 -0.03 27.02
N ASN A 397 49.77 0.17 25.79
CA ASN A 397 50.06 -0.72 24.64
C ASN A 397 49.61 -2.18 24.84
N TYR A 398 48.38 -2.35 25.33
CA TYR A 398 47.77 -3.67 25.48
C TYR A 398 46.67 -3.95 24.42
N SER A 399 46.78 -5.15 23.84
CA SER A 399 45.87 -5.70 22.84
C SER A 399 44.92 -6.71 23.46
N PHE A 400 45.28 -7.23 24.63
CA PHE A 400 44.43 -8.13 25.42
C PHE A 400 44.57 -7.83 26.94
N TYR A 401 43.49 -7.52 27.61
CA TYR A 401 43.54 -6.91 28.93
C TYR A 401 42.47 -7.52 29.79
N ALA A 402 42.84 -8.10 30.92
CA ALA A 402 41.86 -8.75 31.78
C ALA A 402 42.08 -8.31 33.21
N LEU A 403 41.07 -7.64 33.77
CA LEU A 403 41.20 -7.00 35.06
C LEU A 403 40.00 -7.25 35.89
N ASP A 404 40.22 -7.81 37.08
CA ASP A 404 39.18 -7.86 38.11
C ASP A 404 37.95 -8.64 37.67
N ASN A 405 38.22 -9.82 37.14
CA ASN A 405 37.21 -10.81 36.78
C ASN A 405 37.18 -11.94 37.81
N GLN A 406 36.26 -11.86 38.75
CA GLN A 406 36.36 -12.71 39.93
C GLN A 406 36.09 -14.24 39.76
N ASN A 407 35.45 -14.67 38.66
CA ASN A 407 35.18 -16.10 38.42
C ASN A 407 35.84 -16.68 37.15
N LEU A 408 36.67 -15.90 36.51
CA LEU A 408 37.24 -16.34 35.26
C LEU A 408 38.27 -17.48 35.51
N ARG A 409 37.94 -18.68 35.01
CA ARG A 409 38.78 -19.88 35.16
C ARG A 409 39.43 -20.29 33.83
N GLN A 410 38.79 -19.94 32.71
CA GLN A 410 39.34 -20.27 31.41
C GLN A 410 39.36 -19.06 30.48
N LEU A 411 40.39 -19.00 29.66
CA LEU A 411 40.43 -18.12 28.54
C LEU A 411 39.79 -18.90 27.38
N TRP A 412 40.61 -19.51 26.54
CA TRP A 412 40.13 -20.60 25.66
C TRP A 412 40.81 -21.91 26.07
N ASP A 413 40.22 -23.03 25.66
CA ASP A 413 40.86 -24.35 25.73
C ASP A 413 42.02 -24.44 24.74
N TRP A 414 43.24 -24.39 25.25
CA TRP A 414 44.42 -24.29 24.39
C TRP A 414 44.88 -25.66 23.77
N SER A 415 44.25 -26.78 24.17
CA SER A 415 44.26 -28.03 23.37
C SER A 415 43.85 -27.74 21.93
N LYS A 416 42.67 -27.12 21.80
CA LYS A 416 41.97 -26.98 20.52
C LYS A 416 42.19 -25.64 19.85
N HIS A 417 42.08 -24.55 20.63
CA HIS A 417 41.97 -23.21 20.07
C HIS A 417 43.30 -22.55 19.74
N ASN A 418 43.39 -21.95 18.57
CA ASN A 418 44.53 -21.12 18.22
C ASN A 418 44.08 -19.67 18.12
N LEU A 419 44.77 -18.80 18.87
CA LEU A 419 44.56 -17.36 18.78
C LEU A 419 45.87 -16.66 18.50
N THR A 420 45.89 -15.76 17.53
CA THR A 420 47.06 -14.95 17.22
C THR A 420 46.87 -13.47 17.59
N ILE A 421 47.89 -12.87 18.22
CA ILE A 421 47.91 -11.46 18.59
C ILE A 421 49.07 -10.77 17.86
N THR A 422 48.77 -10.06 16.79
CA THR A 422 49.78 -9.48 15.95
C THR A 422 50.66 -8.47 16.72
N GLN A 423 50.06 -7.45 17.31
CA GLN A 423 50.76 -6.41 18.06
C GLN A 423 50.22 -6.31 19.47
N GLY A 424 50.94 -5.59 20.32
CA GLY A 424 50.52 -5.26 21.69
C GLY A 424 50.82 -6.33 22.72
N LYS A 425 50.59 -5.99 24.00
CA LYS A 425 50.87 -6.88 25.11
C LYS A 425 49.63 -7.33 25.86
N LEU A 426 49.87 -8.23 26.81
CA LEU A 426 48.88 -8.74 27.70
C LEU A 426 48.93 -8.07 29.08
N PHE A 427 47.78 -8.03 29.74
CA PHE A 427 47.61 -7.46 31.05
C PHE A 427 46.68 -8.39 31.80
N PHE A 428 47.11 -8.88 32.95
CA PHE A 428 46.27 -9.68 33.82
C PHE A 428 46.51 -9.25 35.27
N HIS A 429 45.43 -8.87 35.96
CA HIS A 429 45.46 -8.51 37.37
C HIS A 429 44.08 -8.76 37.87
N TYR A 430 44.01 -9.22 39.13
CA TYR A 430 42.77 -9.49 39.82
C TYR A 430 41.84 -10.49 39.10
N ASN A 431 42.47 -11.56 38.64
CA ASN A 431 41.80 -12.75 38.14
C ASN A 431 42.08 -13.92 39.12
N PRO A 432 41.40 -13.92 40.27
CA PRO A 432 41.69 -14.87 41.37
C PRO A 432 41.59 -16.37 41.05
N LYS A 433 40.79 -16.73 40.04
CA LYS A 433 40.53 -18.13 39.70
C LYS A 433 41.18 -18.54 38.40
N LEU A 434 42.10 -17.73 37.90
CA LEU A 434 42.70 -18.02 36.65
C LEU A 434 44.18 -18.34 36.86
N CYS A 435 44.54 -19.61 36.70
CA CYS A 435 45.92 -20.06 36.83
C CYS A 435 46.86 -19.42 35.84
N LEU A 436 48.05 -19.10 36.32
CA LEU A 436 49.12 -18.57 35.46
C LEU A 436 49.52 -19.54 34.34
N SER A 437 49.24 -20.83 34.50
CA SER A 437 49.48 -21.81 33.42
C SER A 437 48.73 -21.41 32.12
N GLU A 438 47.41 -21.19 32.29
CA GLU A 438 46.52 -20.65 31.23
C GLU A 438 47.05 -19.38 30.57
N ILE A 439 47.49 -18.44 31.40
CA ILE A 439 48.03 -17.19 30.91
C ILE A 439 49.33 -17.48 30.16
N HIS A 440 50.20 -18.29 30.78
CA HIS A 440 51.46 -18.68 30.14
C HIS A 440 51.24 -19.47 28.84
N LYS A 441 50.22 -20.36 28.82
CA LYS A 441 49.83 -21.03 27.57
C LYS A 441 49.46 -20.03 26.47
N MET A 442 48.60 -19.08 26.83
CA MET A 442 48.12 -18.04 25.89
C MET A 442 49.29 -17.24 25.30
N GLU A 443 50.24 -16.90 26.17
CA GLU A 443 51.46 -16.24 25.73
C GLU A 443 52.16 -17.04 24.64
N GLU A 444 52.23 -18.36 24.86
CA GLU A 444 52.86 -19.28 23.93
C GLU A 444 52.08 -19.31 22.62
N VAL A 445 50.78 -19.60 22.71
CA VAL A 445 49.92 -19.73 21.53
C VAL A 445 49.88 -18.49 20.66
N SER A 446 49.82 -17.31 21.30
CA SER A 446 49.43 -16.05 20.63
C SER A 446 50.60 -15.32 20.03
N GLY A 447 51.80 -15.69 20.50
CA GLY A 447 53.05 -15.03 20.06
C GLY A 447 53.35 -13.74 20.80
N THR A 448 52.89 -13.66 22.05
CA THR A 448 53.11 -12.49 22.90
C THR A 448 54.16 -12.73 24.02
N LYS A 449 54.54 -14.00 24.19
CA LYS A 449 55.71 -14.38 25.01
C LYS A 449 56.92 -13.44 24.77
N GLY A 450 57.46 -12.89 25.85
CA GLY A 450 58.55 -11.92 25.74
C GLY A 450 58.16 -10.50 25.35
N ARG A 451 56.86 -10.22 25.21
CA ARG A 451 56.40 -8.82 25.06
C ARG A 451 56.15 -8.17 26.42
N GLN A 452 55.80 -8.98 27.41
CA GLN A 452 55.38 -8.48 28.72
C GLN A 452 56.53 -7.93 29.57
N GLU A 453 56.28 -6.85 30.33
CA GLU A 453 57.20 -6.32 31.36
C GLU A 453 56.70 -6.85 32.67
N ARG A 454 57.40 -6.54 33.76
CA ARG A 454 57.22 -7.31 35.01
C ARG A 454 55.82 -7.19 35.66
N ASN A 455 55.27 -5.99 35.60
CA ASN A 455 53.97 -5.73 36.21
C ASN A 455 52.77 -5.89 35.25
N ASP A 456 53.02 -6.19 33.98
CA ASP A 456 51.95 -6.50 33.00
C ASP A 456 51.10 -7.69 33.43
N ILE A 457 51.75 -8.78 33.87
CA ILE A 457 51.04 -9.92 34.47
C ILE A 457 51.42 -10.12 35.94
N ALA A 458 50.43 -10.09 36.82
CA ALA A 458 50.66 -10.22 38.25
C ALA A 458 50.96 -11.66 38.66
N LEU A 459 51.98 -11.84 39.51
CA LEU A 459 52.24 -13.16 40.09
C LEU A 459 51.29 -13.43 41.27
N LYS A 460 50.95 -12.38 42.02
CA LYS A 460 50.22 -12.57 43.26
C LYS A 460 48.69 -12.49 43.15
N THR A 461 48.15 -11.98 42.04
CA THR A 461 46.67 -11.75 41.89
C THR A 461 46.01 -12.48 40.72
N ASN A 462 46.76 -13.32 40.01
CA ASN A 462 46.22 -14.28 39.05
C ASN A 462 46.31 -15.73 39.57
N GLY A 463 45.17 -16.30 39.96
CA GLY A 463 45.10 -17.70 40.34
C GLY A 463 45.14 -17.91 41.84
N ASP A 464 45.51 -16.85 42.55
CA ASP A 464 45.72 -16.90 44.00
C ASP A 464 44.60 -17.58 44.79
N LYS A 465 43.36 -17.57 44.31
CA LYS A 465 42.28 -18.26 45.02
C LYS A 465 41.90 -19.59 44.43
N ALA A 466 42.77 -20.15 43.59
CA ALA A 466 42.50 -21.40 42.88
C ALA A 466 43.65 -22.40 43.08
N SER A 467 43.32 -23.69 42.98
CA SER A 467 44.32 -24.76 42.98
C SER A 467 45.04 -24.85 41.63
N CYS A 468 46.32 -24.53 41.61
CA CYS A 468 47.08 -24.46 40.35
C CYS A 468 48.33 -25.34 40.33
N GLU A 469 48.29 -26.48 39.80
N PRO B 4 -4.40 16.92 28.52
CA PRO B 4 -5.24 18.12 28.19
C PRO B 4 -4.89 18.63 26.77
N GLY B 5 -5.92 18.85 25.94
CA GLY B 5 -5.79 19.37 24.54
C GLY B 5 -7.07 19.20 23.69
N GLU B 6 -7.18 19.95 22.58
CA GLU B 6 -8.33 19.78 21.65
C GLU B 6 -8.06 18.77 20.51
N VAL B 7 -9.12 18.10 20.09
CA VAL B 7 -9.12 17.18 18.98
C VAL B 7 -9.66 17.87 17.73
N CYS B 8 -8.84 17.98 16.70
CA CYS B 8 -9.31 18.60 15.47
C CYS B 8 -9.54 17.65 14.31
N PRO B 9 -10.42 18.03 13.40
CA PRO B 9 -10.61 17.29 12.16
C PRO B 9 -9.38 17.41 11.24
N GLY B 10 -9.34 16.61 10.18
CA GLY B 10 -8.29 16.75 9.17
C GLY B 10 -8.42 18.08 8.42
N MET B 11 -7.32 18.55 7.85
CA MET B 11 -7.30 19.77 7.07
C MET B 11 -6.45 19.60 5.84
N ASP B 12 -6.88 20.26 4.75
CA ASP B 12 -6.07 20.47 3.55
C ASP B 12 -5.78 21.98 3.53
N ILE B 13 -4.55 22.34 3.84
CA ILE B 13 -4.12 23.73 3.83
C ILE B 13 -3.23 24.01 2.63
N ARG B 14 -3.71 24.88 1.74
CA ARG B 14 -2.97 25.27 0.53
C ARG B 14 -2.89 26.77 0.29
N ASN B 15 -2.08 27.16 -0.69
CA ASN B 15 -1.96 28.57 -1.18
C ASN B 15 -1.29 29.52 -0.20
N ASN B 16 -1.98 29.87 0.89
CA ASN B 16 -1.53 30.84 1.90
C ASN B 16 -1.42 30.07 3.23
N LEU B 17 -0.69 30.59 4.22
CA LEU B 17 -0.66 30.03 5.58
C LEU B 17 -1.86 30.37 6.49
N THR B 18 -2.85 31.08 5.97
CA THR B 18 -3.95 31.60 6.79
C THR B 18 -4.68 30.55 7.65
N ARG B 19 -5.25 29.51 7.01
CA ARG B 19 -6.03 28.52 7.76
C ARG B 19 -5.16 27.69 8.69
N LEU B 20 -3.83 27.79 8.53
CA LEU B 20 -2.89 26.99 9.33
C LEU B 20 -3.04 27.21 10.84
N HIS B 21 -3.47 28.42 11.20
CA HIS B 21 -3.59 28.82 12.59
C HIS B 21 -4.79 28.15 13.24
N GLU B 22 -5.60 27.47 12.44
CA GLU B 22 -6.66 26.61 12.98
C GLU B 22 -6.12 25.41 13.81
N LEU B 23 -4.86 25.02 13.59
CA LEU B 23 -4.18 23.96 14.40
C LEU B 23 -3.71 24.42 15.78
N GLU B 24 -3.83 25.72 16.03
CA GLU B 24 -3.43 26.40 17.26
C GLU B 24 -3.54 25.58 18.55
N ASN B 25 -4.72 25.04 18.80
CA ASN B 25 -4.98 24.33 20.05
C ASN B 25 -5.12 22.78 19.96
N CYS B 26 -4.72 22.17 18.83
CA CYS B 26 -4.92 20.72 18.67
C CYS B 26 -3.82 19.94 19.34
N SER B 27 -4.19 19.00 20.19
CA SER B 27 -3.19 18.03 20.60
C SER B 27 -3.23 16.80 19.66
N VAL B 28 -4.37 16.62 18.98
CA VAL B 28 -4.59 15.49 18.12
C VAL B 28 -5.39 15.82 16.85
N ILE B 29 -4.90 15.40 15.68
CA ILE B 29 -5.68 15.56 14.50
C ILE B 29 -6.35 14.23 14.22
N GLU B 30 -7.65 14.26 14.30
CA GLU B 30 -8.47 13.11 13.95
C GLU B 30 -8.83 13.21 12.47
N GLY B 31 -7.90 12.76 11.64
CA GLY B 31 -7.95 12.89 10.18
C GLY B 31 -6.51 13.00 9.67
N HIS B 32 -6.34 13.50 8.44
CA HIS B 32 -5.02 13.79 7.90
C HIS B 32 -4.66 15.27 7.91
N LEU B 33 -3.41 15.56 7.61
CA LEU B 33 -2.96 16.92 7.44
C LEU B 33 -2.17 16.96 6.14
N GLN B 34 -2.69 17.71 5.17
CA GLN B 34 -1.99 18.06 3.94
C GLN B 34 -1.67 19.56 3.99
N ILE B 35 -0.40 19.88 3.77
CA ILE B 35 0.03 21.25 3.53
C ILE B 35 0.74 21.26 2.17
N LEU B 36 0.19 22.04 1.23
CA LEU B 36 0.69 22.02 -0.14
C LEU B 36 0.56 23.35 -0.92
N LEU B 37 1.38 23.51 -1.95
CA LEU B 37 1.22 24.55 -2.98
C LEU B 37 1.19 25.96 -2.40
N MET B 38 2.29 26.28 -1.73
CA MET B 38 2.53 27.61 -1.20
C MET B 38 3.82 28.06 -1.85
N PHE B 39 3.65 28.80 -2.93
CA PHE B 39 4.78 29.25 -3.75
C PHE B 39 5.37 30.60 -3.37
N LYS B 40 4.61 31.43 -2.65
CA LYS B 40 5.06 32.79 -2.31
C LYS B 40 5.64 32.88 -0.88
N THR B 41 5.44 31.85 -0.07
CA THR B 41 6.02 31.78 1.29
C THR B 41 7.55 31.75 1.31
N ARG B 42 8.11 32.37 2.35
CA ARG B 42 9.56 32.46 2.58
C ARG B 42 9.87 32.23 4.08
N PRO B 43 11.13 31.95 4.43
CA PRO B 43 11.50 31.59 5.81
C PRO B 43 10.86 32.48 6.88
N GLU B 44 11.01 33.78 6.71
CA GLU B 44 10.42 34.76 7.61
C GLU B 44 8.98 34.44 8.01
N ASP B 45 8.18 33.93 7.08
CA ASP B 45 6.77 33.56 7.35
C ASP B 45 6.61 32.42 8.38
N PHE B 46 7.64 31.57 8.49
CA PHE B 46 7.61 30.39 9.35
C PHE B 46 8.38 30.55 10.67
N ARG B 47 9.33 31.49 10.72
CA ARG B 47 10.26 31.65 11.87
C ARG B 47 9.63 31.49 13.27
N ASP B 48 8.56 32.25 13.53
CA ASP B 48 7.85 32.13 14.83
C ASP B 48 6.48 31.44 14.68
N LEU B 49 6.44 30.39 13.85
CA LEU B 49 5.22 29.62 13.60
C LEU B 49 5.45 28.22 14.15
N SER B 50 4.66 27.84 15.15
CA SER B 50 4.92 26.66 15.95
C SER B 50 3.64 26.06 16.49
N PHE B 51 3.52 24.72 16.45
CA PHE B 51 2.35 24.03 17.03
C PHE B 51 2.78 22.94 18.01
N PRO B 52 3.30 23.37 19.16
CA PRO B 52 3.89 22.44 20.14
C PRO B 52 2.87 21.52 20.83
N LYS B 53 1.58 21.85 20.77
CA LYS B 53 0.53 20.99 21.32
C LYS B 53 0.31 19.68 20.52
N LEU B 54 0.65 19.67 19.23
CA LEU B 54 0.36 18.52 18.38
C LEU B 54 1.27 17.33 18.67
N ILE B 55 0.62 16.30 19.19
CA ILE B 55 1.25 15.04 19.59
C ILE B 55 1.01 13.97 18.55
N MET B 56 -0.17 13.99 17.94
CA MET B 56 -0.58 12.87 17.13
C MET B 56 -1.52 13.17 15.98
N ILE B 57 -1.28 12.48 14.85
CA ILE B 57 -2.16 12.46 13.67
C ILE B 57 -2.68 11.04 13.42
N THR B 58 -4.00 10.86 13.30
CA THR B 58 -4.56 9.52 13.22
C THR B 58 -4.42 8.87 11.82
N ASP B 59 -4.30 9.71 10.78
CA ASP B 59 -4.21 9.24 9.38
C ASP B 59 -2.78 9.50 8.91
N TYR B 60 -2.57 10.52 8.06
CA TYR B 60 -1.26 10.74 7.46
C TYR B 60 -0.91 12.22 7.42
N LEU B 61 0.38 12.47 7.23
CA LEU B 61 0.95 13.80 7.08
C LEU B 61 1.56 13.92 5.67
N LEU B 62 1.09 14.90 4.92
CA LEU B 62 1.61 15.10 3.57
C LEU B 62 2.02 16.56 3.40
N LEU B 63 3.23 16.75 2.88
CA LEU B 63 3.76 18.11 2.61
C LEU B 63 4.28 18.12 1.15
N PHE B 64 3.69 18.96 0.32
CA PHE B 64 3.97 18.97 -1.13
C PHE B 64 4.20 20.41 -1.64
N ARG B 65 5.40 20.72 -2.14
CA ARG B 65 5.64 22.05 -2.78
C ARG B 65 5.26 23.23 -1.87
N VAL B 66 5.82 23.23 -0.66
CA VAL B 66 5.70 24.35 0.29
C VAL B 66 7.03 25.10 0.34
N TYR B 67 7.04 26.32 -0.23
CA TYR B 67 8.28 27.11 -0.36
C TYR B 67 8.61 27.81 0.97
N GLY B 68 9.89 28.03 1.20
CA GLY B 68 10.34 28.84 2.35
C GLY B 68 10.67 28.08 3.62
N LEU B 69 10.11 26.87 3.77
CA LEU B 69 10.20 26.08 5.00
C LEU B 69 11.44 25.23 4.97
N GLU B 70 12.31 25.40 5.96
CA GLU B 70 13.64 24.79 6.00
C GLU B 70 13.78 23.66 7.00
N SER B 71 12.84 23.57 7.94
CA SER B 71 12.81 22.48 8.89
C SER B 71 11.41 22.40 9.45
N LEU B 72 11.06 21.23 10.00
CA LEU B 72 9.80 21.06 10.70
C LEU B 72 9.98 21.07 12.21
N LYS B 73 11.20 21.34 12.69
CA LYS B 73 11.50 21.27 14.12
C LYS B 73 10.75 22.28 14.97
N ASP B 74 10.34 23.40 14.36
CA ASP B 74 9.58 24.41 15.09
C ASP B 74 8.09 24.34 14.83
N LEU B 75 7.69 23.85 13.65
CA LEU B 75 6.26 23.61 13.39
C LEU B 75 5.68 22.50 14.24
N PHE B 76 6.32 21.34 14.21
CA PHE B 76 5.78 20.15 14.90
C PHE B 76 6.84 19.49 15.82
N PRO B 77 7.30 20.25 16.83
CA PRO B 77 8.39 19.78 17.68
C PRO B 77 8.00 18.54 18.50
N ASN B 78 6.71 18.40 18.84
CA ASN B 78 6.21 17.29 19.70
C ASN B 78 5.33 16.19 19.03
N LEU B 79 5.21 16.21 17.71
CA LEU B 79 4.47 15.17 16.99
C LEU B 79 5.22 13.87 17.22
N THR B 80 4.50 12.93 17.83
CA THR B 80 5.09 11.69 18.33
C THR B 80 4.62 10.43 17.57
N VAL B 81 3.33 10.40 17.20
CA VAL B 81 2.71 9.30 16.50
C VAL B 81 1.91 9.75 15.29
N ILE B 82 2.16 9.11 14.15
CA ILE B 82 1.26 9.08 13.02
C ILE B 82 0.64 7.66 12.96
N ARG B 83 -0.64 7.54 13.16
CA ARG B 83 -1.26 6.21 13.26
C ARG B 83 -1.48 5.49 11.92
N GLY B 84 -1.75 6.25 10.87
CA GLY B 84 -1.95 5.70 9.58
C GLY B 84 -3.22 4.87 9.48
N SER B 85 -4.30 5.21 10.21
CA SER B 85 -5.59 4.52 10.06
C SER B 85 -6.12 4.61 8.62
N ARG B 86 -5.95 5.78 8.03
CA ARG B 86 -6.05 5.99 6.58
C ARG B 86 -4.74 6.57 6.06
N LEU B 87 -4.43 6.19 4.83
CA LEU B 87 -3.18 6.45 4.22
C LEU B 87 -3.37 7.20 2.93
N PHE B 88 -2.27 7.81 2.46
CA PHE B 88 -2.21 8.40 1.15
C PHE B 88 -1.63 7.32 0.22
N PHE B 89 -2.51 6.71 -0.56
CA PHE B 89 -2.30 5.38 -1.09
C PHE B 89 -1.93 4.43 0.10
N ASN B 90 -0.63 4.15 0.29
CA ASN B 90 -0.18 3.36 1.43
C ASN B 90 0.88 4.11 2.27
N TYR B 91 1.02 5.42 2.08
CA TYR B 91 1.96 6.24 2.82
C TYR B 91 1.33 7.00 3.97
N ALA B 92 2.03 6.98 5.12
CA ALA B 92 1.62 7.74 6.33
C ALA B 92 2.33 9.10 6.45
N LEU B 93 3.47 9.21 5.79
CA LEU B 93 4.26 10.44 5.74
C LEU B 93 4.78 10.66 4.29
N VAL B 94 4.43 11.80 3.73
CA VAL B 94 4.85 12.20 2.38
C VAL B 94 5.49 13.59 2.42
N ILE B 95 6.75 13.67 1.95
CA ILE B 95 7.51 14.93 1.93
C ILE B 95 8.05 15.04 0.51
N PHE B 96 7.50 15.93 -0.29
CA PHE B 96 7.71 15.84 -1.74
C PHE B 96 7.87 17.23 -2.37
N GLU B 97 9.01 17.46 -3.02
CA GLU B 97 9.34 18.76 -3.60
C GLU B 97 9.12 19.90 -2.63
N MET B 98 9.72 19.73 -1.47
CA MET B 98 9.82 20.77 -0.52
C MET B 98 11.20 21.37 -0.82
N VAL B 99 11.18 22.47 -1.55
CA VAL B 99 12.40 22.95 -2.24
C VAL B 99 13.40 23.65 -1.30
N HIS B 100 12.97 24.12 -0.13
CA HIS B 100 13.87 24.80 0.80
C HIS B 100 14.21 24.00 2.06
N LEU B 101 13.65 22.79 2.15
CA LEU B 101 13.73 21.98 3.36
C LEU B 101 15.12 21.38 3.50
N LYS B 102 15.76 21.70 4.63
CA LYS B 102 17.14 21.29 4.91
C LYS B 102 17.26 20.08 5.83
N GLU B 103 16.28 19.90 6.70
CA GLU B 103 16.16 18.75 7.59
C GLU B 103 14.67 18.49 7.78
N LEU B 104 14.29 17.29 8.20
CA LEU B 104 12.93 17.09 8.68
C LEU B 104 12.74 17.69 10.06
N GLY B 105 13.57 17.24 11.00
CA GLY B 105 13.54 17.74 12.37
C GLY B 105 12.31 17.36 13.16
N LEU B 106 11.74 16.19 12.86
CA LEU B 106 10.58 15.73 13.61
C LEU B 106 11.09 14.87 14.81
N TYR B 107 11.77 15.56 15.74
CA TYR B 107 12.66 14.92 16.71
C TYR B 107 11.92 14.19 17.80
N ASN B 108 10.61 14.34 17.84
CA ASN B 108 9.76 13.55 18.68
C ASN B 108 8.99 12.41 18.00
N LEU B 109 9.19 12.19 16.71
CA LEU B 109 8.47 11.14 15.97
C LEU B 109 9.00 9.73 16.24
N MET B 110 8.21 8.97 17.01
CA MET B 110 8.64 7.67 17.57
C MET B 110 8.04 6.49 16.84
N ASN B 111 6.83 6.66 16.34
CA ASN B 111 6.10 5.56 15.77
C ASN B 111 5.19 6.02 14.66
N ILE B 112 5.31 5.33 13.54
CA ILE B 112 4.30 5.31 12.50
C ILE B 112 3.65 3.91 12.51
N THR B 113 2.40 3.89 12.91
CA THR B 113 1.79 2.66 13.32
C THR B 113 1.33 1.78 12.14
N ARG B 114 1.07 2.42 11.00
CA ARG B 114 0.62 1.74 9.79
C ARG B 114 1.03 2.60 8.62
N GLY B 115 1.42 1.98 7.51
CA GLY B 115 1.83 2.71 6.30
C GLY B 115 3.33 2.93 6.20
N SER B 116 3.76 3.54 5.11
CA SER B 116 5.18 3.72 4.82
C SER B 116 5.50 5.21 4.64
N VAL B 117 6.75 5.48 4.29
CA VAL B 117 7.25 6.84 4.20
C VAL B 117 7.71 7.13 2.76
N ARG B 118 7.35 8.28 2.23
CA ARG B 118 7.79 8.65 0.89
C ARG B 118 8.43 10.01 0.99
N ILE B 119 9.75 10.10 0.79
CA ILE B 119 10.48 11.36 0.90
C ILE B 119 11.33 11.57 -0.35
N GLU B 120 10.92 12.52 -1.19
CA GLU B 120 11.40 12.50 -2.57
C GLU B 120 11.52 13.89 -3.19
N LYS B 121 12.62 14.14 -3.88
CA LYS B 121 12.81 15.40 -4.62
C LYS B 121 12.81 16.65 -3.77
N ASN B 122 13.56 16.57 -2.68
CA ASN B 122 13.79 17.65 -1.78
C ASN B 122 15.30 17.95 -1.91
N ASN B 123 15.59 18.97 -2.69
CA ASN B 123 16.95 19.21 -3.19
C ASN B 123 17.90 19.84 -2.20
N GLU B 124 17.38 20.38 -1.10
CA GLU B 124 18.21 20.84 0.01
C GLU B 124 18.19 19.92 1.24
N LEU B 125 17.62 18.71 1.12
CA LEU B 125 17.25 17.92 2.30
C LEU B 125 18.36 17.01 2.81
N CYS B 126 18.75 17.27 4.06
CA CYS B 126 19.80 16.49 4.70
C CYS B 126 19.21 15.86 5.99
N TYR B 127 20.06 15.17 6.75
CA TYR B 127 19.70 14.55 8.01
C TYR B 127 18.63 13.45 7.79
N LEU B 128 18.84 12.67 6.73
CA LEU B 128 18.00 11.53 6.36
C LEU B 128 18.73 10.23 6.64
N ALA B 129 19.99 10.17 6.20
CA ALA B 129 20.94 9.10 6.54
C ALA B 129 21.08 8.90 8.03
N THR B 130 20.85 9.96 8.82
CA THR B 130 20.98 9.89 10.26
C THR B 130 19.72 9.41 10.96
N ILE B 131 18.62 9.20 10.23
CA ILE B 131 17.42 8.63 10.85
C ILE B 131 17.44 7.13 10.64
N ASP B 132 17.23 6.38 11.72
CA ASP B 132 16.97 4.93 11.66
C ASP B 132 15.48 4.67 11.68
N TRP B 133 14.91 4.47 10.50
CA TRP B 133 13.47 4.30 10.35
C TRP B 133 12.99 2.97 10.89
N SER B 134 13.87 1.99 11.03
CA SER B 134 13.45 0.70 11.59
C SER B 134 13.02 0.80 13.04
N ARG B 135 13.38 1.91 13.69
CA ARG B 135 12.87 2.20 15.04
C ARG B 135 11.47 2.81 15.04
N ILE B 136 11.06 3.38 13.90
CA ILE B 136 9.79 4.13 13.79
C ILE B 136 8.65 3.33 13.11
N LEU B 137 9.02 2.51 12.12
CA LEU B 137 8.11 1.63 11.34
C LEU B 137 8.59 0.22 11.31
N ASP B 138 7.65 -0.70 11.36
CA ASP B 138 7.92 -2.16 11.26
C ASP B 138 8.54 -2.59 9.95
N SER B 139 8.15 -2.00 8.83
CA SER B 139 8.74 -2.39 7.60
C SER B 139 9.07 -1.15 6.81
N VAL B 140 10.37 -1.01 6.59
CA VAL B 140 10.98 0.05 5.83
C VAL B 140 11.21 -0.40 4.38
N GLU B 141 10.97 -1.66 4.11
CA GLU B 141 11.03 -2.24 2.78
C GLU B 141 10.22 -1.43 1.74
N ASP B 142 9.09 -0.82 2.13
CA ASP B 142 8.31 -0.08 1.14
C ASP B 142 8.48 1.42 1.29
N ASN B 143 9.45 1.86 2.08
CA ASN B 143 9.79 3.27 2.10
C ASN B 143 10.39 3.69 0.75
N HIS B 144 10.17 4.93 0.36
CA HIS B 144 10.70 5.41 -0.89
C HIS B 144 11.33 6.76 -0.61
N ILE B 145 12.65 6.73 -0.45
CA ILE B 145 13.40 7.91 -0.02
C ILE B 145 14.54 8.13 -0.99
N VAL B 146 14.35 9.02 -1.94
CA VAL B 146 15.26 9.14 -3.08
C VAL B 146 15.26 10.57 -3.58
N LEU B 147 16.25 10.88 -4.42
CA LEU B 147 16.37 12.18 -5.06
C LEU B 147 16.32 13.35 -4.11
N ASN B 148 16.98 13.22 -2.97
CA ASN B 148 17.13 14.32 -2.03
C ASN B 148 18.59 14.81 -2.03
N LYS B 149 18.88 15.90 -1.33
CA LYS B 149 20.24 16.40 -1.36
C LYS B 149 21.20 15.27 -0.98
N ASP B 150 20.88 14.59 0.13
CA ASP B 150 21.68 13.46 0.62
C ASP B 150 22.22 12.51 -0.44
N ASP B 151 21.38 12.15 -1.41
CA ASP B 151 21.80 11.24 -2.48
C ASP B 151 22.86 11.94 -3.32
N ASN B 152 22.49 13.05 -3.97
CA ASN B 152 23.30 13.66 -5.04
C ASN B 152 24.55 14.45 -4.61
N GLU B 153 24.94 14.36 -3.33
CA GLU B 153 25.89 15.31 -2.73
C GLU B 153 26.49 14.86 -1.39
N GLU B 154 27.31 15.74 -0.83
CA GLU B 154 27.82 15.58 0.52
C GLU B 154 26.94 16.46 1.41
N CYS B 155 26.43 15.87 2.49
CA CYS B 155 25.45 16.54 3.32
C CYS B 155 26.04 17.15 4.60
N GLY B 156 27.03 16.49 5.19
CA GLY B 156 27.62 16.99 6.45
C GLY B 156 26.62 17.00 7.60
N ASP B 157 26.01 15.84 7.80
CA ASP B 157 24.94 15.69 8.77
C ASP B 157 25.59 15.62 10.12
N ILE B 158 25.80 16.74 10.78
CA ILE B 158 26.55 16.69 12.03
C ILE B 158 25.60 16.55 13.19
N CYS B 159 25.76 15.47 13.94
CA CYS B 159 24.92 15.18 15.10
C CYS B 159 25.51 15.84 16.33
N PRO B 160 24.70 16.09 17.34
CA PRO B 160 25.20 16.60 18.61
C PRO B 160 26.35 15.70 19.13
N GLY B 161 27.43 16.30 19.65
CA GLY B 161 28.57 15.47 20.07
C GLY B 161 29.82 16.16 20.62
N THR B 162 30.37 15.57 21.69
CA THR B 162 31.60 16.02 22.35
C THR B 162 32.84 15.92 21.44
N ALA B 163 33.72 16.93 21.53
CA ALA B 163 35.00 16.99 20.78
C ALA B 163 35.81 15.67 20.78
N LYS B 164 35.67 14.85 21.83
CA LYS B 164 36.16 13.45 21.82
C LYS B 164 35.14 12.54 22.53
N GLY B 165 34.36 11.78 21.75
CA GLY B 165 33.27 10.95 22.28
C GLY B 165 33.70 9.92 23.31
N THR B 167 30.60 12.52 20.72
CA THR B 167 29.42 11.74 20.27
C THR B 167 28.41 11.36 21.39
N ASN B 168 27.37 12.18 21.53
CA ASN B 168 26.33 11.95 22.54
C ASN B 168 25.22 11.01 22.04
N CYS B 169 24.97 11.04 20.72
CA CYS B 169 23.77 10.40 20.13
C CYS B 169 23.90 8.90 20.11
N PRO B 170 22.78 8.18 20.21
CA PRO B 170 22.80 6.73 20.07
C PRO B 170 23.19 6.32 18.67
N ALA B 171 23.69 5.10 18.57
CA ALA B 171 24.22 4.59 17.35
C ALA B 171 23.53 3.26 17.05
N THR B 172 23.12 3.06 15.80
CA THR B 172 22.55 1.78 15.42
C THR B 172 23.19 1.37 14.15
N VAL B 173 23.03 0.08 13.83
CA VAL B 173 23.57 -0.54 12.61
C VAL B 173 22.78 -0.27 11.30
N ILE B 174 23.50 -0.05 10.18
CA ILE B 174 22.91 -0.12 8.83
C ILE B 174 22.88 -1.61 8.34
N ASN B 175 23.89 -2.11 7.63
CA ASN B 175 24.18 -3.58 7.60
C ASN B 175 25.22 -3.91 8.72
N GLY B 176 26.45 -3.46 8.54
CA GLY B 176 27.56 -3.70 9.47
C GLY B 176 28.10 -2.45 10.16
N GLN B 177 27.81 -1.28 9.62
CA GLN B 177 28.32 -0.05 10.16
C GLN B 177 27.39 0.51 11.24
N PHE B 178 27.95 0.84 12.41
CA PHE B 178 27.25 1.57 13.46
C PHE B 178 27.34 3.07 13.16
N VAL B 179 26.20 3.74 13.20
CA VAL B 179 26.06 5.11 12.72
C VAL B 179 25.28 5.88 13.77
N GLU B 180 25.70 7.10 14.05
CA GLU B 180 24.99 7.86 15.07
C GLU B 180 23.75 8.51 14.45
N ARG B 181 22.72 8.66 15.26
CA ARG B 181 21.39 8.94 14.77
C ARG B 181 20.84 10.23 15.36
N CYS B 182 20.41 11.10 14.46
CA CYS B 182 19.85 12.38 14.84
C CYS B 182 18.96 12.92 13.74
N TRP B 183 18.12 13.87 14.17
CA TRP B 183 17.19 14.63 13.35
C TRP B 183 17.78 15.98 12.92
N THR B 184 18.55 16.60 13.83
CA THR B 184 19.20 17.90 13.59
C THR B 184 20.57 17.97 14.25
N HIS B 185 21.23 19.11 14.07
CA HIS B 185 22.52 19.41 14.71
C HIS B 185 22.34 19.48 16.22
N SER B 186 21.15 19.83 16.67
CA SER B 186 20.81 19.94 18.12
C SER B 186 20.00 18.78 18.71
N HIS B 187 19.53 17.83 17.89
CA HIS B 187 18.59 16.80 18.37
C HIS B 187 18.92 15.39 17.93
N CYS B 188 19.20 14.55 18.92
CA CYS B 188 19.36 13.13 18.70
C CYS B 188 18.02 12.41 18.37
N GLN B 189 18.15 11.20 17.82
CA GLN B 189 17.03 10.27 17.72
C GLN B 189 16.95 9.54 19.03
N LYS B 190 15.78 9.53 19.65
CA LYS B 190 15.56 8.68 20.79
C LYS B 190 15.52 7.19 20.42
N VAL B 191 16.29 6.39 21.16
CA VAL B 191 16.41 4.96 20.96
C VAL B 191 16.28 4.29 22.31
N CYS B 192 15.27 3.47 22.47
CA CYS B 192 15.01 2.77 23.69
C CYS B 192 15.64 1.39 23.68
N PRO B 193 15.81 0.84 24.87
CA PRO B 193 16.09 -0.59 25.00
C PRO B 193 14.99 -1.42 24.33
N THR B 194 15.42 -2.55 23.76
CA THR B 194 14.54 -3.43 23.01
C THR B 194 13.41 -4.01 23.86
N ILE B 195 13.58 -4.24 25.17
CA ILE B 195 12.44 -4.75 25.95
C ILE B 195 11.27 -3.75 25.99
N CYS B 196 11.56 -2.49 25.71
CA CYS B 196 10.55 -1.45 25.74
C CYS B 196 9.62 -1.52 24.53
N LYS B 197 10.07 -2.22 23.47
CA LYS B 197 9.31 -2.40 22.23
C LYS B 197 8.89 -1.01 21.72
N SER B 198 7.63 -0.78 21.39
CA SER B 198 7.17 0.52 20.88
C SER B 198 6.67 1.50 21.97
N HIS B 199 6.71 1.05 23.22
CA HIS B 199 6.11 1.78 24.36
C HIS B 199 6.82 3.07 24.73
N GLY B 200 8.09 3.15 24.39
CA GLY B 200 8.91 4.26 24.79
C GLY B 200 9.59 4.03 26.13
N CYS B 201 10.33 5.02 26.55
CA CYS B 201 11.12 4.99 27.78
C CYS B 201 11.46 6.38 28.24
N THR B 202 11.76 6.50 29.52
CA THR B 202 12.26 7.74 30.08
C THR B 202 13.70 7.90 29.74
N ALA B 203 14.26 9.06 30.06
CA ALA B 203 15.64 9.35 29.71
C ALA B 203 16.61 8.41 30.42
N GLU B 204 16.25 7.90 31.59
CA GLU B 204 17.19 6.97 32.25
CA GLU B 204 17.11 6.95 32.32
C GLU B 204 16.97 5.53 31.76
N GLY B 205 16.09 5.36 30.78
CA GLY B 205 15.95 4.08 30.09
C GLY B 205 14.91 3.13 30.61
N LEU B 206 14.07 3.60 31.53
CA LEU B 206 13.04 2.78 32.11
C LEU B 206 11.84 2.83 31.19
N CYS B 207 11.24 1.67 30.99
CA CYS B 207 10.19 1.48 30.03
C CYS B 207 8.94 2.21 30.41
N CYS B 208 8.32 2.86 29.44
CA CYS B 208 6.97 3.36 29.60
C CYS B 208 6.05 2.18 29.83
N HIS B 209 4.86 2.46 30.30
CA HIS B 209 3.86 1.45 30.39
C HIS B 209 3.46 0.78 29.02
N SER B 210 3.07 -0.49 29.08
CA SER B 210 2.73 -1.30 27.90
C SER B 210 1.51 -0.78 27.09
N GLU B 211 0.69 0.06 27.70
CA GLU B 211 -0.40 0.76 27.01
C GLU B 211 -0.01 2.14 26.37
N CYS B 212 1.22 2.60 26.63
CA CYS B 212 1.81 3.77 26.02
C CYS B 212 2.33 3.48 24.63
N LEU B 213 2.52 4.54 23.85
CA LEU B 213 3.11 4.44 22.54
C LEU B 213 4.08 5.55 22.37
N GLY B 214 5.34 5.24 22.08
CA GLY B 214 6.32 6.29 21.71
C GLY B 214 7.09 6.91 22.85
N ASN B 215 6.39 7.32 23.90
CA ASN B 215 7.00 8.14 24.91
C ASN B 215 6.05 8.37 26.07
N CYS B 216 6.64 8.72 27.22
CA CYS B 216 5.91 9.01 28.45
C CYS B 216 6.73 9.94 29.31
N SER B 217 6.09 10.50 30.32
CA SER B 217 6.75 11.41 31.23
C SER B 217 7.31 10.64 32.42
N GLN B 218 6.65 9.52 32.76
CA GLN B 218 7.10 8.63 33.79
C GLN B 218 6.92 7.14 33.48
N PRO B 219 7.79 6.30 34.05
CA PRO B 219 7.84 4.88 33.68
C PRO B 219 6.70 4.06 34.23
N ASP B 220 6.28 3.06 33.45
CA ASP B 220 5.23 2.13 33.91
C ASP B 220 3.97 2.76 34.53
N ASP B 221 3.49 3.88 33.97
CA ASP B 221 2.29 4.56 34.43
C ASP B 221 1.39 4.92 33.22
N PRO B 222 0.23 4.30 33.12
CA PRO B 222 -0.60 4.47 31.95
C PRO B 222 -1.35 5.79 31.92
N THR B 223 -1.06 6.66 32.90
CA THR B 223 -1.62 8.01 32.95
C THR B 223 -0.56 9.02 32.62
N LYS B 224 0.64 8.58 32.29
CA LYS B 224 1.76 9.46 31.99
C LYS B 224 2.36 9.27 30.59
N CYS B 225 1.58 8.62 29.73
CA CYS B 225 1.91 8.48 28.30
C CYS B 225 1.71 9.76 27.47
N VAL B 226 2.63 10.02 26.57
CA VAL B 226 2.44 11.06 25.58
C VAL B 226 1.32 10.68 24.60
N ALA B 227 1.24 9.39 24.28
CA ALA B 227 0.18 8.79 23.41
C ALA B 227 -0.06 7.31 23.79
N CYS B 228 -1.22 6.80 23.37
CA CYS B 228 -1.68 5.46 23.67
C CYS B 228 -1.43 4.45 22.55
N ARG B 229 -1.10 3.22 22.89
CA ARG B 229 -0.96 2.18 21.91
C ARG B 229 -2.32 1.73 21.42
N ASN B 230 -3.28 1.66 22.33
CA ASN B 230 -4.63 1.23 21.94
C ASN B 230 -5.64 2.38 21.96
N PHE B 231 -6.28 2.63 23.09
CA PHE B 231 -7.34 3.63 23.21
C PHE B 231 -7.08 4.59 24.36
N TYR B 232 -7.65 5.78 24.22
CA TYR B 232 -7.50 6.85 25.18
C TYR B 232 -8.83 7.08 25.93
N LEU B 233 -8.78 7.16 27.26
CA LEU B 233 -9.96 7.50 28.07
C LEU B 233 -9.59 8.30 29.29
N ASP B 234 -10.16 9.47 29.43
N ASP B 234 -10.22 9.45 29.48
CA ASP B 234 -10.08 10.29 30.67
CA ASP B 234 -10.07 10.25 30.72
C ASP B 234 -8.69 10.34 31.28
C ASP B 234 -8.66 10.29 31.30
N GLY B 235 -7.70 10.70 30.49
CA GLY B 235 -6.33 10.86 30.95
C GLY B 235 -5.50 9.59 31.12
N ARG B 236 -5.94 8.48 30.53
CA ARG B 236 -5.35 7.16 30.72
C ARG B 236 -5.36 6.37 29.40
N CYS B 237 -4.30 5.59 29.16
CA CYS B 237 -4.25 4.65 28.02
C CYS B 237 -4.78 3.26 28.41
N VAL B 238 -5.82 2.81 27.72
CA VAL B 238 -6.48 1.53 28.00
C VAL B 238 -6.46 0.59 26.79
N GLU B 239 -6.57 -0.71 27.10
CA GLU B 239 -6.42 -1.73 26.10
C GLU B 239 -7.67 -1.82 25.25
N THR B 240 -8.81 -1.80 25.90
CA THR B 240 -10.08 -1.64 25.24
C THR B 240 -10.87 -0.65 26.05
N CYS B 241 -11.93 -0.13 25.43
CA CYS B 241 -12.84 0.79 26.08
C CYS B 241 -13.76 -0.01 26.98
N PRO B 242 -13.73 0.29 28.27
CA PRO B 242 -14.64 -0.32 29.25
C PRO B 242 -16.07 0.12 29.07
N PRO B 243 -17.03 -0.74 29.46
CA PRO B 243 -18.43 -0.35 29.59
C PRO B 243 -18.52 0.87 30.44
N PRO B 244 -19.40 1.82 30.16
CA PRO B 244 -20.32 1.81 29.04
C PRO B 244 -19.82 2.61 27.80
N TYR B 245 -18.50 2.64 27.53
CA TYR B 245 -17.92 3.42 26.41
C TYR B 245 -17.82 2.62 25.11
N TYR B 246 -17.60 3.36 24.03
CA TYR B 246 -17.49 2.82 22.66
C TYR B 246 -16.17 3.30 22.05
N HIS B 247 -15.58 2.44 21.23
CA HIS B 247 -14.40 2.76 20.47
C HIS B 247 -14.72 3.71 19.29
N PHE B 248 -14.02 4.83 19.20
CA PHE B 248 -14.27 5.87 18.17
C PHE B 248 -12.96 6.15 17.42
N GLN B 249 -13.02 6.04 16.08
CA GLN B 249 -11.91 6.44 15.18
C GLN B 249 -10.64 5.69 15.49
N ASP B 250 -10.82 4.48 16.00
CA ASP B 250 -9.75 3.58 16.37
C ASP B 250 -8.68 4.11 17.32
N TRP B 251 -9.05 5.06 18.19
CA TRP B 251 -8.04 5.63 19.14
C TRP B 251 -8.66 6.21 20.46
N ARG B 252 -9.93 6.56 20.51
CA ARG B 252 -10.48 7.07 21.76
C ARG B 252 -11.82 6.50 22.12
N CYS B 253 -12.15 6.62 23.40
CA CYS B 253 -13.38 6.07 23.98
C CYS B 253 -14.36 7.19 24.18
N VAL B 254 -15.59 6.96 23.73
CA VAL B 254 -16.66 7.92 23.84
C VAL B 254 -17.93 7.25 24.38
N ASN B 255 -18.82 8.03 24.95
CA ASN B 255 -20.01 7.50 25.52
C ASN B 255 -21.14 7.52 24.50
N PHE B 256 -22.25 6.85 24.86
CA PHE B 256 -23.42 6.71 24.02
C PHE B 256 -23.95 8.07 23.46
N SER B 257 -23.88 9.04 24.34
CA SER B 257 -24.52 10.34 24.15
C SER B 257 -23.74 11.12 23.10
N PHE B 258 -22.41 10.97 23.13
CA PHE B 258 -21.54 11.45 22.05
C PHE B 258 -21.88 10.87 20.68
N CYS B 259 -21.96 9.55 20.62
CA CYS B 259 -22.40 8.90 19.40
C CYS B 259 -23.77 9.44 18.95
N GLN B 260 -24.66 9.61 19.93
CA GLN B 260 -26.02 10.03 19.71
C GLN B 260 -26.06 11.45 19.13
N ASP B 261 -25.22 12.34 19.68
CA ASP B 261 -25.13 13.70 19.17
C ASP B 261 -24.64 13.76 17.74
N LEU B 262 -23.57 13.04 17.41
CA LEU B 262 -23.13 12.93 15.99
C LEU B 262 -24.28 12.45 15.08
N HIS B 263 -24.94 11.37 15.47
CA HIS B 263 -26.07 10.85 14.71
C HIS B 263 -27.16 11.89 14.39
N HIS B 264 -27.52 12.69 15.39
CA HIS B 264 -28.62 13.65 15.24
C HIS B 264 -28.16 14.94 14.60
N LYS B 265 -27.02 15.46 15.06
CA LYS B 265 -26.32 16.56 14.39
C LYS B 265 -26.30 16.36 12.88
N CYS B 266 -25.92 15.17 12.43
CA CYS B 266 -25.83 14.91 11.01
C CYS B 266 -27.19 14.80 10.33
N LYS B 267 -27.99 13.81 10.74
CA LYS B 267 -29.28 13.51 10.08
C LYS B 267 -30.10 14.79 9.77
N ASN B 268 -30.00 15.77 10.69
CA ASN B 268 -30.53 17.13 10.51
C ASN B 268 -29.87 17.83 9.29
N SER B 269 -29.02 18.83 9.52
CA SER B 269 -28.33 19.52 8.41
C SER B 269 -27.37 18.53 7.71
N ARG B 270 -27.69 18.18 6.45
CA ARG B 270 -27.06 17.04 5.74
C ARG B 270 -26.12 17.47 4.58
N ARG B 271 -24.84 17.67 4.91
CA ARG B 271 -23.81 17.99 3.92
C ARG B 271 -23.58 16.83 2.94
N GLY B 273 -18.76 16.19 4.58
CA GLY B 273 -19.81 15.26 4.18
C GLY B 273 -20.14 14.25 5.29
N CYS B 274 -21.04 14.67 6.19
CA CYS B 274 -21.34 13.93 7.44
C CYS B 274 -22.16 12.60 7.30
N HIS B 275 -21.95 11.69 8.24
CA HIS B 275 -22.74 10.43 8.30
C HIS B 275 -23.57 10.42 9.58
N GLN B 276 -24.66 9.65 9.58
CA GLN B 276 -25.41 9.42 10.83
C GLN B 276 -24.81 8.25 11.56
N TYR B 277 -24.04 8.55 12.60
CA TYR B 277 -23.27 7.55 13.32
C TYR B 277 -24.14 6.43 13.97
N VAL B 278 -23.62 5.22 13.95
CA VAL B 278 -24.29 4.03 14.48
C VAL B 278 -23.34 3.26 15.41
N ILE B 279 -23.92 2.28 16.13
CA ILE B 279 -23.13 1.42 17.01
C ILE B 279 -23.05 -0.01 16.49
N HIS B 280 -21.84 -0.49 16.36
CA HIS B 280 -21.64 -1.89 15.99
C HIS B 280 -20.36 -2.48 16.62
N ASN B 281 -20.42 -3.69 17.16
CA ASN B 281 -19.33 -4.28 17.96
C ASN B 281 -18.62 -3.33 18.91
N ASN B 282 -19.37 -2.60 19.71
CA ASN B 282 -18.82 -1.60 20.63
C ASN B 282 -17.97 -0.49 20.04
N LYS B 283 -18.25 -0.21 18.77
CA LYS B 283 -17.68 0.91 18.06
C LYS B 283 -18.78 1.90 17.68
N CYS B 284 -18.44 3.16 17.77
CA CYS B 284 -19.27 4.21 17.17
C CYS B 284 -18.67 4.51 15.75
N ILE B 285 -19.40 4.11 14.71
CA ILE B 285 -18.99 4.19 13.33
C ILE B 285 -19.99 4.94 12.40
N PRO B 286 -19.46 5.42 11.27
CA PRO B 286 -20.27 6.21 10.30
C PRO B 286 -21.49 5.49 9.72
N GLU B 287 -21.36 4.20 9.42
CA GLU B 287 -22.48 3.49 8.84
C GLU B 287 -22.46 2.00 9.17
N CYS B 288 -23.63 1.38 9.13
CA CYS B 288 -23.72 -0.05 9.35
C CYS B 288 -22.92 -0.85 8.32
N PRO B 289 -22.26 -1.90 8.77
CA PRO B 289 -21.60 -2.77 7.83
C PRO B 289 -22.61 -3.49 6.97
N SER B 290 -22.07 -4.22 6.02
CA SER B 290 -22.86 -4.93 5.04
C SER B 290 -23.64 -6.03 5.74
N GLY B 291 -24.91 -6.16 5.43
CA GLY B 291 -25.79 -7.13 6.07
C GLY B 291 -26.54 -6.58 7.27
N TYR B 292 -26.27 -5.33 7.65
CA TYR B 292 -26.84 -4.68 8.86
C TYR B 292 -27.57 -3.42 8.52
N THR B 293 -28.48 -3.03 9.39
CA THR B 293 -29.14 -1.77 9.25
C THR B 293 -29.48 -1.25 10.63
N MET B 294 -29.85 0.04 10.70
CA MET B 294 -30.17 0.68 11.94
C MET B 294 -31.46 1.47 11.73
N ASN B 295 -32.57 1.04 12.34
CA ASN B 295 -33.81 1.86 12.33
C ASN B 295 -34.35 2.29 13.72
N SER B 296 -33.56 2.12 14.78
CA SER B 296 -34.03 2.30 16.13
C SER B 296 -33.37 3.48 16.83
N SER B 297 -33.98 3.90 17.93
CA SER B 297 -33.42 4.95 18.78
C SER B 297 -32.30 4.39 19.63
N ASN B 298 -32.14 3.07 19.69
CA ASN B 298 -30.94 2.53 20.35
C ASN B 298 -29.58 2.68 19.59
N LEU B 299 -29.64 3.14 18.33
CA LEU B 299 -28.46 3.38 17.45
C LEU B 299 -27.75 2.13 17.00
N LEU B 300 -28.33 0.97 17.29
CA LEU B 300 -27.58 -0.25 17.20
C LEU B 300 -27.77 -0.95 15.87
N CYS B 301 -26.69 -1.26 15.16
CA CYS B 301 -26.80 -2.02 13.92
C CYS B 301 -27.30 -3.45 14.23
N THR B 302 -28.34 -3.89 13.52
CA THR B 302 -28.83 -5.25 13.63
C THR B 302 -28.97 -5.88 12.28
N PRO B 303 -28.83 -7.20 12.22
CA PRO B 303 -28.81 -7.91 10.94
C PRO B 303 -30.11 -7.70 10.19
N CYS B 304 -29.99 -7.49 8.88
CA CYS B 304 -31.18 -7.19 8.06
C CYS B 304 -32.17 -8.39 8.04
N LEU B 305 -33.46 -8.08 8.22
CA LEU B 305 -34.53 -9.07 8.04
C LEU B 305 -34.80 -9.18 6.53
N GLY B 306 -34.20 -10.18 5.91
CA GLY B 306 -34.15 -10.21 4.44
C GLY B 306 -33.12 -9.20 3.92
N PRO B 307 -33.42 -8.54 2.79
CA PRO B 307 -32.45 -7.64 2.16
C PRO B 307 -32.42 -6.24 2.80
N CYS B 308 -31.22 -5.67 2.86
CA CYS B 308 -31.02 -4.39 3.50
C CYS B 308 -31.63 -3.25 2.68
N PRO B 309 -32.25 -2.29 3.36
CA PRO B 309 -32.72 -1.08 2.69
C PRO B 309 -31.57 -0.35 2.00
N LYS B 310 -31.85 0.32 0.90
CA LYS B 310 -30.80 0.98 0.13
C LYS B 310 -31.42 2.00 -0.77
N VAL B 311 -31.24 3.26 -0.39
CA VAL B 311 -31.69 4.40 -1.16
C VAL B 311 -30.67 4.76 -2.22
N CYS B 312 -31.11 4.79 -3.47
CA CYS B 312 -30.29 5.23 -4.58
C CYS B 312 -30.82 6.56 -5.12
N HIS B 313 -30.05 7.61 -4.93
CA HIS B 313 -30.37 8.92 -5.36
C HIS B 313 -29.70 9.16 -6.70
N LEU B 314 -30.48 9.51 -7.71
CA LEU B 314 -29.97 9.70 -9.02
C LEU B 314 -29.73 11.18 -9.18
N LEU B 315 -28.46 11.58 -9.19
CA LEU B 315 -28.05 12.97 -9.41
C LEU B 315 -28.39 13.49 -10.78
N GLU B 316 -28.48 12.61 -11.77
CA GLU B 316 -28.97 13.05 -13.06
C GLU B 316 -30.50 13.04 -13.14
N GLY B 317 -31.23 12.70 -12.07
CA GLY B 317 -32.71 12.72 -12.12
C GLY B 317 -33.32 11.47 -12.82
N GLU B 318 -32.83 11.13 -14.00
CA GLU B 318 -33.27 9.96 -14.74
C GLU B 318 -32.15 8.95 -15.01
N LYS B 319 -32.51 7.68 -15.02
CA LYS B 319 -31.69 6.58 -15.48
C LYS B 319 -32.51 5.75 -16.51
N THR B 320 -31.88 5.44 -17.63
CA THR B 320 -32.37 4.58 -18.68
C THR B 320 -31.74 3.21 -18.51
N ILE B 321 -32.57 2.17 -18.41
CA ILE B 321 -32.13 0.78 -18.32
C ILE B 321 -32.31 0.17 -19.71
N ASP B 322 -31.21 -0.18 -20.34
CA ASP B 322 -31.29 -0.75 -21.68
C ASP B 322 -30.62 -2.09 -21.78
N SER B 323 -30.25 -2.71 -20.67
CA SER B 323 -29.48 -3.97 -20.72
C SER B 323 -29.42 -4.55 -19.36
N VAL B 324 -28.92 -5.78 -19.25
CA VAL B 324 -28.69 -6.39 -17.95
C VAL B 324 -27.60 -5.64 -17.22
N THR B 325 -26.58 -5.23 -17.96
CA THR B 325 -25.48 -4.46 -17.38
C THR B 325 -26.01 -3.12 -16.73
N SER B 326 -26.91 -2.40 -17.39
CA SER B 326 -27.42 -1.16 -16.79
C SER B 326 -28.33 -1.44 -15.59
N ALA B 327 -29.10 -2.55 -15.65
CA ALA B 327 -29.98 -2.96 -14.56
C ALA B 327 -29.19 -3.24 -13.31
N GLN B 328 -28.09 -3.92 -13.53
CA GLN B 328 -27.19 -4.26 -12.43
C GLN B 328 -26.69 -3.07 -11.68
N GLU B 329 -26.56 -1.92 -12.35
CA GLU B 329 -26.21 -0.67 -11.68
C GLU B 329 -27.18 -0.29 -10.54
N LEU B 330 -28.39 -0.88 -10.53
CA LEU B 330 -29.38 -0.59 -9.47
C LEU B 330 -29.54 -1.74 -8.49
N ARG B 331 -28.70 -2.76 -8.66
CA ARG B 331 -28.75 -3.95 -7.85
C ARG B 331 -28.73 -3.65 -6.35
N GLY B 332 -29.64 -4.27 -5.61
CA GLY B 332 -29.81 -3.96 -4.18
C GLY B 332 -30.67 -2.74 -3.81
N CYS B 333 -30.96 -1.87 -4.76
CA CYS B 333 -31.80 -0.68 -4.48
C CYS B 333 -33.24 -1.04 -4.03
N THR B 334 -33.73 -0.38 -2.97
CA THR B 334 -35.11 -0.53 -2.51
C THR B 334 -35.89 0.77 -2.68
N VAL B 335 -35.16 1.87 -2.84
CA VAL B 335 -35.78 3.18 -3.05
C VAL B 335 -35.01 3.91 -4.13
N ILE B 336 -35.70 4.39 -5.16
CA ILE B 336 -35.10 5.22 -6.18
C ILE B 336 -35.56 6.64 -5.97
N ASN B 337 -34.61 7.55 -5.81
CA ASN B 337 -34.94 8.96 -5.83
C ASN B 337 -34.53 9.45 -7.18
N GLY B 338 -35.55 9.70 -8.02
CA GLY B 338 -35.40 9.88 -9.46
C GLY B 338 -36.48 9.11 -10.23
N SER B 339 -36.27 9.03 -11.55
CA SER B 339 -37.18 8.40 -12.52
C SER B 339 -36.45 7.34 -13.37
N LEU B 340 -37.17 6.29 -13.75
CA LEU B 340 -36.59 5.19 -14.52
C LEU B 340 -37.19 5.13 -15.88
N ILE B 341 -36.34 5.02 -16.90
CA ILE B 341 -36.80 4.72 -18.23
C ILE B 341 -36.34 3.31 -18.66
N ILE B 342 -37.30 2.44 -18.95
CA ILE B 342 -37.00 1.08 -19.41
C ILE B 342 -37.04 0.95 -20.95
N ASN B 343 -35.87 0.71 -21.54
CA ASN B 343 -35.71 0.59 -23.01
CA ASN B 343 -35.65 0.64 -23.00
C ASN B 343 -34.84 -0.61 -23.37
N ILE B 344 -35.39 -1.79 -23.12
CA ILE B 344 -34.66 -3.06 -23.30
C ILE B 344 -35.09 -3.81 -24.57
N ARG B 345 -34.21 -3.76 -25.59
CA ARG B 345 -34.44 -4.41 -26.89
C ARG B 345 -34.14 -5.93 -26.96
C ARG B 345 -33.97 -5.85 -27.02
N GLY B 346 -33.61 -6.54 -25.89
N GLY B 346 -34.51 -6.56 -28.01
CA GLY B 346 -33.32 -7.98 -25.88
CA GLY B 346 -33.90 -7.79 -28.48
C GLY B 346 -32.42 -8.42 -24.72
C GLY B 346 -34.78 -8.99 -28.71
N GLY B 347 -31.98 -9.68 -24.78
N GLY B 347 -35.84 -9.12 -27.94
CA GLY B 347 -31.03 -10.23 -23.77
CA GLY B 347 -36.75 -10.26 -28.12
C GLY B 347 -31.23 -11.70 -23.42
C GLY B 347 -36.33 -11.49 -27.35
N ASN B 348 -30.40 -12.15 -22.48
N ASN B 348 -35.16 -11.45 -26.74
CA ASN B 348 -30.19 -13.57 -22.13
CA ASN B 348 -34.74 -12.51 -25.84
C ASN B 348 -31.27 -14.22 -21.24
C ASN B 348 -35.50 -12.53 -24.52
N ASN B 349 -31.10 -14.16 -19.93
N ASN B 349 -35.56 -13.71 -23.89
CA ASN B 349 -31.99 -14.82 -18.95
CA ASN B 349 -36.23 -13.86 -22.59
C ASN B 349 -32.67 -13.62 -18.25
C ASN B 349 -35.35 -13.22 -21.52
N LEU B 350 -33.55 -12.98 -19.00
N LEU B 350 -35.88 -12.16 -20.89
CA LEU B 350 -33.86 -11.56 -18.80
CA LEU B 350 -35.04 -11.32 -20.01
C LEU B 350 -34.82 -11.29 -17.66
C LEU B 350 -35.65 -11.01 -18.61
N ALA B 351 -35.98 -11.95 -17.71
N ALA B 351 -36.16 -12.01 -17.89
CA ALA B 351 -36.98 -11.75 -16.68
C ALA B 351 -36.37 -12.03 -15.32
N ALA B 352 -35.53 -13.05 -15.24
CA ALA B 352 -34.90 -13.41 -14.01
C ALA B 352 -33.79 -12.40 -13.69
N GLU B 353 -33.02 -12.02 -14.71
CA GLU B 353 -31.96 -11.03 -14.52
C GLU B 353 -32.50 -9.69 -14.06
N LEU B 354 -33.62 -9.24 -14.64
CA LEU B 354 -34.25 -7.99 -14.22
C LEU B 354 -34.89 -8.07 -12.84
N GLU B 355 -35.38 -9.25 -12.49
CA GLU B 355 -35.95 -9.38 -11.17
C GLU B 355 -34.86 -9.38 -10.11
N ALA B 356 -33.71 -9.98 -10.41
CA ALA B 356 -32.57 -9.99 -9.48
C ALA B 356 -32.06 -8.59 -9.12
N ASN B 357 -31.98 -7.72 -10.14
CA ASN B 357 -31.45 -6.35 -10.02
C ASN B 357 -32.47 -5.28 -9.72
N LEU B 358 -33.70 -5.46 -10.19
CA LEU B 358 -34.71 -4.45 -10.00
C LEU B 358 -35.86 -4.88 -9.08
N GLY B 359 -35.86 -6.16 -8.71
CA GLY B 359 -36.97 -6.74 -7.97
C GLY B 359 -37.13 -6.27 -6.54
N LEU B 360 -36.13 -5.57 -5.98
CA LEU B 360 -36.25 -5.07 -4.59
C LEU B 360 -36.73 -3.63 -4.50
N ILE B 361 -36.91 -2.94 -5.63
CA ILE B 361 -37.33 -1.52 -5.60
C ILE B 361 -38.79 -1.41 -5.17
N GLU B 362 -39.00 -0.68 -4.07
CA GLU B 362 -40.31 -0.51 -3.47
C GLU B 362 -40.94 0.82 -3.80
N GLU B 363 -40.11 1.80 -4.15
CA GLU B 363 -40.57 3.13 -4.41
C GLU B 363 -39.72 3.82 -5.48
N ILE B 364 -40.36 4.62 -6.31
CA ILE B 364 -39.73 5.52 -7.26
C ILE B 364 -40.35 6.87 -7.02
N SER B 365 -39.55 7.88 -6.68
CA SER B 365 -40.07 9.23 -6.39
C SER B 365 -40.54 10.05 -7.57
N GLY B 366 -40.05 9.75 -8.78
CA GLY B 366 -40.41 10.46 -10.00
C GLY B 366 -41.44 9.67 -10.77
N TYR B 367 -41.13 9.39 -12.04
CA TYR B 367 -41.98 8.65 -12.96
C TYR B 367 -41.30 7.35 -13.44
N LEU B 368 -42.10 6.51 -14.06
CA LEU B 368 -41.63 5.26 -14.65
C LEU B 368 -42.11 5.23 -16.09
N LYS B 369 -41.18 5.00 -17.00
CA LYS B 369 -41.47 5.05 -18.40
C LYS B 369 -40.98 3.74 -18.97
N ILE B 370 -41.83 3.05 -19.72
CA ILE B 370 -41.48 1.82 -20.43
C ILE B 370 -41.65 2.12 -21.92
N ARG B 371 -40.56 2.09 -22.66
CA ARG B 371 -40.58 2.54 -24.04
C ARG B 371 -39.69 1.72 -24.96
N ARG B 372 -40.27 1.22 -26.05
CA ARG B 372 -39.56 0.41 -27.07
C ARG B 372 -38.84 -0.77 -26.44
N SER B 373 -39.39 -1.28 -25.34
CA SER B 373 -38.83 -2.49 -24.71
C SER B 373 -39.38 -3.74 -25.37
N TYR B 374 -38.84 -4.02 -26.55
CA TYR B 374 -39.28 -5.13 -27.40
C TYR B 374 -39.27 -6.46 -26.68
N ALA B 375 -38.29 -6.65 -25.83
CA ALA B 375 -38.07 -7.91 -25.17
C ALA B 375 -39.07 -8.25 -24.02
N LEU B 376 -39.82 -7.28 -23.47
CA LEU B 376 -40.62 -7.53 -22.25
C LEU B 376 -42.04 -8.03 -22.54
N VAL B 377 -42.45 -9.06 -21.79
CA VAL B 377 -43.83 -9.52 -21.80
C VAL B 377 -44.61 -9.14 -20.53
N SER B 378 -43.90 -8.84 -19.45
CA SER B 378 -44.52 -8.39 -18.21
C SER B 378 -43.63 -7.35 -17.50
N LEU B 379 -44.23 -6.54 -16.63
CA LEU B 379 -43.43 -5.71 -15.71
C LEU B 379 -43.27 -6.36 -14.34
N SER B 380 -43.58 -7.66 -14.24
CA SER B 380 -43.72 -8.28 -12.92
C SER B 380 -42.36 -8.49 -12.29
N PHE B 381 -41.28 -8.40 -13.07
CA PHE B 381 -39.91 -8.36 -12.54
C PHE B 381 -39.71 -7.27 -11.48
N PHE B 382 -40.47 -6.18 -11.58
CA PHE B 382 -40.54 -5.19 -10.50
C PHE B 382 -41.37 -5.79 -9.35
N ARG B 383 -40.91 -6.91 -8.77
CA ARG B 383 -41.67 -7.68 -7.75
C ARG B 383 -42.17 -6.84 -6.57
N LYS B 384 -41.37 -5.92 -6.06
CA LYS B 384 -41.75 -5.19 -4.87
C LYS B 384 -42.16 -3.75 -5.10
N LEU B 385 -42.37 -3.34 -6.33
CA LEU B 385 -42.70 -1.93 -6.55
C LEU B 385 -44.12 -1.59 -6.08
N ARG B 386 -44.24 -0.76 -5.05
CA ARG B 386 -45.57 -0.45 -4.56
CA ARG B 386 -45.51 -0.43 -4.40
C ARG B 386 -45.94 1.02 -4.55
N LEU B 387 -45.00 1.89 -4.90
CA LEU B 387 -45.28 3.32 -4.94
C LEU B 387 -44.46 4.06 -6.00
N ILE B 388 -45.15 4.83 -6.84
CA ILE B 388 -44.55 5.86 -7.66
C ILE B 388 -45.15 7.19 -7.21
N ARG B 389 -44.31 8.13 -6.76
CA ARG B 389 -44.81 9.36 -6.15
C ARG B 389 -45.15 10.38 -7.17
N GLY B 390 -44.45 10.36 -8.30
CA GLY B 390 -44.71 11.38 -9.30
C GLY B 390 -44.29 12.78 -8.87
N GLU B 391 -43.24 12.90 -8.04
CA GLU B 391 -42.72 14.23 -7.64
C GLU B 391 -42.10 14.89 -8.85
N THR B 392 -41.70 14.07 -9.83
CA THR B 392 -41.24 14.56 -11.14
C THR B 392 -42.09 13.80 -12.16
N LEU B 393 -42.44 14.49 -13.26
CA LEU B 393 -43.30 13.94 -14.32
C LEU B 393 -42.73 14.12 -15.69
N GLU B 394 -43.06 13.17 -16.57
CA GLU B 394 -42.72 13.21 -17.98
C GLU B 394 -43.60 14.25 -18.58
N ILE B 395 -43.09 15.05 -19.51
CA ILE B 395 -43.90 16.12 -20.07
C ILE B 395 -45.31 15.64 -20.51
N GLY B 396 -46.28 16.48 -20.17
CA GLY B 396 -47.69 16.09 -20.20
C GLY B 396 -48.16 15.58 -18.84
N ASN B 397 -47.31 15.71 -17.83
CA ASN B 397 -47.64 15.31 -16.49
C ASN B 397 -48.01 13.84 -16.34
N TYR B 398 -47.16 12.97 -16.87
CA TYR B 398 -47.31 11.55 -16.71
C TYR B 398 -46.33 11.01 -15.69
N SER B 399 -46.83 10.20 -14.77
CA SER B 399 -46.02 9.46 -13.81
C SER B 399 -45.82 7.99 -14.22
N PHE B 400 -46.68 7.47 -15.09
CA PHE B 400 -46.46 6.14 -15.67
C PHE B 400 -46.73 6.21 -17.17
N TYR B 401 -45.80 5.74 -17.98
CA TYR B 401 -45.88 5.99 -19.44
C TYR B 401 -45.38 4.80 -20.22
N ALA B 402 -46.26 4.24 -21.05
CA ALA B 402 -45.95 3.04 -21.80
C ALA B 402 -46.19 3.27 -23.32
N LEU B 403 -45.12 3.18 -24.09
CA LEU B 403 -45.13 3.48 -25.49
C LEU B 403 -44.33 2.45 -26.29
N ASP B 404 -44.99 1.85 -27.27
CA ASP B 404 -44.33 1.03 -28.28
C ASP B 404 -43.58 -0.16 -27.69
N ASN B 405 -44.33 -0.98 -26.95
CA ASN B 405 -43.80 -2.20 -26.39
C ASN B 405 -44.54 -3.38 -27.05
N GLN B 406 -43.85 -4.01 -27.99
CA GLN B 406 -44.51 -4.89 -28.93
C GLN B 406 -44.97 -6.20 -28.37
N ASN B 407 -44.36 -6.67 -27.29
CA ASN B 407 -44.72 -7.96 -26.69
C ASN B 407 -45.31 -7.89 -25.32
N LEU B 408 -45.54 -6.70 -24.80
CA LEU B 408 -46.02 -6.55 -23.43
C LEU B 408 -47.45 -7.00 -23.30
N ARG B 409 -47.68 -8.00 -22.45
CA ARG B 409 -49.03 -8.51 -22.24
CA ARG B 409 -48.99 -8.60 -22.23
C ARG B 409 -49.48 -8.44 -20.79
N GLN B 410 -48.59 -8.05 -19.89
CA GLN B 410 -48.97 -7.90 -18.50
C GLN B 410 -48.22 -6.71 -17.93
N LEU B 411 -48.90 -5.94 -17.09
CA LEU B 411 -48.25 -4.93 -16.29
C LEU B 411 -47.80 -5.67 -15.03
N TRP B 412 -48.65 -5.68 -14.03
CA TRP B 412 -48.49 -6.60 -12.90
C TRP B 412 -49.74 -7.49 -12.80
N ASP B 413 -49.66 -8.56 -12.01
CA ASP B 413 -50.85 -9.41 -11.75
C ASP B 413 -51.70 -8.70 -10.72
N TRP B 414 -52.73 -8.02 -11.19
CA TRP B 414 -53.53 -7.18 -10.32
C TRP B 414 -54.43 -7.98 -9.35
N SER B 415 -54.39 -9.31 -9.43
CA SER B 415 -55.07 -10.13 -8.43
C SER B 415 -54.23 -10.20 -7.15
N LYS B 416 -52.90 -10.03 -7.26
CA LYS B 416 -51.99 -10.02 -6.10
C LYS B 416 -51.23 -8.70 -5.82
N HIS B 417 -50.92 -7.88 -6.84
CA HIS B 417 -50.01 -6.76 -6.65
C HIS B 417 -50.73 -5.47 -6.37
N ASN B 418 -50.35 -4.74 -5.33
CA ASN B 418 -50.83 -3.39 -5.14
C ASN B 418 -49.76 -2.35 -5.57
N LEU B 419 -50.18 -1.30 -6.29
CA LEU B 419 -49.32 -0.22 -6.71
C LEU B 419 -50.05 1.09 -6.60
N THR B 420 -49.49 2.04 -5.88
CA THR B 420 -50.07 3.34 -5.69
C THR B 420 -49.28 4.39 -6.43
N ILE B 421 -49.98 5.32 -7.06
CA ILE B 421 -49.36 6.38 -7.81
C ILE B 421 -49.91 7.71 -7.31
N THR B 422 -49.12 8.40 -6.52
CA THR B 422 -49.59 9.54 -5.77
C THR B 422 -50.08 10.69 -6.61
N GLN B 423 -49.29 11.06 -7.62
CA GLN B 423 -49.55 12.18 -8.51
C GLN B 423 -49.28 11.75 -9.95
N GLY B 424 -49.83 12.55 -10.88
CA GLY B 424 -49.64 12.40 -12.33
C GLY B 424 -50.57 11.43 -13.04
N LYS B 425 -50.53 11.50 -14.37
CA LYS B 425 -51.38 10.70 -15.25
C LYS B 425 -50.67 9.50 -15.85
N LEU B 426 -51.48 8.63 -16.48
CA LEU B 426 -51.05 7.45 -17.23
C LEU B 426 -51.07 7.74 -18.72
N PHE B 427 -50.09 7.22 -19.43
CA PHE B 427 -50.02 7.30 -20.87
C PHE B 427 -49.85 5.89 -21.44
N PHE B 428 -50.71 5.45 -22.38
CA PHE B 428 -50.55 4.11 -22.98
C PHE B 428 -50.80 4.25 -24.44
N HIS B 429 -49.79 4.07 -25.28
CA HIS B 429 -49.94 4.05 -26.73
C HIS B 429 -49.03 2.99 -27.33
N TYR B 430 -49.53 2.28 -28.33
CA TYR B 430 -48.75 1.28 -29.10
C TYR B 430 -48.20 0.17 -28.23
N ASN B 431 -49.07 -0.43 -27.42
CA ASN B 431 -48.78 -1.69 -26.72
C ASN B 431 -49.73 -2.78 -27.30
N PRO B 432 -49.43 -3.35 -28.46
CA PRO B 432 -50.40 -4.17 -29.15
C PRO B 432 -50.84 -5.46 -28.47
N LYS B 433 -50.04 -5.99 -27.55
CA LYS B 433 -50.42 -7.25 -26.90
C LYS B 433 -51.03 -7.02 -25.54
N LEU B 434 -51.23 -5.75 -25.17
CA LEU B 434 -51.73 -5.40 -23.84
C LEU B 434 -53.20 -4.97 -23.88
N CYS B 435 -54.06 -5.79 -23.29
CA CYS B 435 -55.49 -5.56 -23.26
C CYS B 435 -55.80 -4.34 -22.46
N LEU B 436 -56.78 -3.58 -22.96
CA LEU B 436 -57.28 -2.40 -22.29
C LEU B 436 -57.80 -2.70 -20.90
N SER B 437 -58.32 -3.90 -20.67
CA SER B 437 -58.77 -4.29 -19.30
C SER B 437 -57.64 -4.31 -18.26
N GLU B 438 -56.43 -4.69 -18.68
CA GLU B 438 -55.27 -4.62 -17.78
C GLU B 438 -54.91 -3.17 -17.46
N ILE B 439 -55.06 -2.28 -18.42
CA ILE B 439 -54.82 -0.87 -18.18
C ILE B 439 -55.84 -0.32 -17.22
N HIS B 440 -57.11 -0.64 -17.49
CA HIS B 440 -58.24 -0.18 -16.64
C HIS B 440 -58.15 -0.75 -15.20
N LYS B 441 -57.79 -2.02 -15.07
CA LYS B 441 -57.44 -2.54 -13.76
C LYS B 441 -56.33 -1.72 -13.08
N MET B 442 -55.28 -1.34 -13.83
CA MET B 442 -54.24 -0.47 -13.25
C MET B 442 -54.76 0.84 -12.69
N GLU B 443 -55.59 1.55 -13.46
CA GLU B 443 -56.18 2.81 -12.96
C GLU B 443 -56.91 2.61 -11.64
N GLU B 444 -57.70 1.55 -11.56
CA GLU B 444 -58.46 1.25 -10.35
C GLU B 444 -57.53 0.99 -9.17
N VAL B 445 -56.67 -0.01 -9.28
CA VAL B 445 -55.68 -0.30 -8.24
C VAL B 445 -54.83 0.93 -7.81
N SER B 446 -54.36 1.74 -8.75
CA SER B 446 -53.32 2.76 -8.47
C SER B 446 -53.86 4.08 -7.99
N GLY B 447 -55.18 4.24 -8.07
CA GLY B 447 -55.82 5.47 -7.67
C GLY B 447 -55.72 6.53 -8.70
N THR B 448 -55.55 6.16 -9.98
CA THR B 448 -55.46 7.16 -11.05
C THR B 448 -56.72 7.28 -11.90
N LYS B 449 -57.73 6.47 -11.61
CA LYS B 449 -59.07 6.67 -12.19
C LYS B 449 -59.49 8.13 -12.12
N GLY B 450 -59.87 8.67 -13.27
CA GLY B 450 -60.36 10.03 -13.37
C GLY B 450 -59.31 11.06 -13.74
N ARG B 451 -58.02 10.68 -13.69
CA ARG B 451 -56.94 11.64 -13.99
C ARG B 451 -56.71 11.79 -15.49
N GLN B 452 -57.04 10.76 -16.25
CA GLN B 452 -56.65 10.66 -17.65
C GLN B 452 -57.56 11.52 -18.51
N GLU B 453 -56.95 12.25 -19.42
CA GLU B 453 -57.66 13.09 -20.35
C GLU B 453 -57.78 12.31 -21.64
N ARG B 454 -58.33 12.97 -22.65
CA ARG B 454 -58.90 12.30 -23.82
C ARG B 454 -57.97 11.26 -24.50
N ASN B 455 -56.88 11.74 -25.06
CA ASN B 455 -56.03 10.88 -25.90
C ASN B 455 -54.83 10.27 -25.07
N ASP B 456 -54.96 10.20 -23.73
CA ASP B 456 -53.93 9.65 -22.84
C ASP B 456 -53.77 8.13 -22.97
N ILE B 457 -54.90 7.41 -22.93
CA ILE B 457 -54.89 5.97 -23.13
C ILE B 457 -55.54 5.70 -24.51
N ALA B 458 -54.78 5.21 -25.48
CA ALA B 458 -55.32 4.95 -26.82
C ALA B 458 -56.29 3.74 -26.85
N LEU B 459 -57.43 3.93 -27.48
CA LEU B 459 -58.38 2.83 -27.60
C LEU B 459 -57.95 1.90 -28.73
N LYS B 460 -57.37 2.47 -29.77
CA LYS B 460 -57.04 1.73 -30.98
C LYS B 460 -55.65 0.99 -30.96
N THR B 461 -54.69 1.41 -30.09
CA THR B 461 -53.29 0.89 -30.20
C THR B 461 -52.78 0.12 -28.99
N ASN B 462 -53.70 -0.19 -28.09
CA ASN B 462 -53.47 -1.08 -26.95
C ASN B 462 -54.32 -2.38 -27.08
N GLY B 463 -53.68 -3.54 -27.20
CA GLY B 463 -54.40 -4.80 -27.38
C GLY B 463 -54.90 -5.15 -28.77
N ASP B 464 -54.65 -4.32 -29.77
CA ASP B 464 -55.12 -4.62 -31.14
C ASP B 464 -54.57 -5.89 -31.77
N LYS B 465 -53.43 -6.39 -31.28
CA LYS B 465 -52.89 -7.66 -31.78
C LYS B 465 -53.09 -8.84 -30.79
N ALA B 466 -54.00 -8.66 -29.84
CA ALA B 466 -54.33 -9.69 -28.87
C ALA B 466 -55.84 -10.03 -28.94
N SER B 467 -56.25 -11.14 -28.34
CA SER B 467 -57.68 -11.34 -28.06
C SER B 467 -57.94 -11.04 -26.60
N CYS B 468 -59.01 -10.28 -26.37
CA CYS B 468 -59.25 -9.70 -25.06
C CYS B 468 -60.63 -10.07 -24.43
N GLU B 469 -61.67 -9.27 -24.63
CA GLU B 469 -62.92 -9.50 -23.86
C GLU B 469 -64.16 -8.76 -24.43
N ASN B 470 -65.24 -9.38 -24.52
#